data_4WRL
#
_entry.id   4WRL
#
_cell.length_a   142.997
_cell.length_b   142.997
_cell.length_c   138.323
_cell.angle_alpha   90.00
_cell.angle_beta   90.00
_cell.angle_gamma   90.00
#
_symmetry.space_group_name_H-M   'I 41'
#
loop_
_entity.id
_entity.type
_entity.pdbx_description
1 polymer 'Macrophage colony-stimulating factor 1 receptor'
2 polymer 'Macrophage colony-stimulating factor 1'
3 branched 'N-acetyl-alpha-neuraminic acid-(2-3)-beta-D-galactopyranose-(1-4)-[alpha-L-fucopyranose-(1-6)]2-acetamido-2-deoxy-beta-D-glucopyranose'
4 branched beta-D-galactopyranose-(1-4)-2-acetamido-2-deoxy-beta-D-glucopyranose
5 branched 'N-acetyl-alpha-neuraminic acid-(2-3)-beta-D-galactopyranose-(1-4)-2-acetamido-2-deoxy-beta-D-glucopyranose'
6 non-polymer 'N-acetyl-alpha-neuraminic acid'
7 non-polymer 2-acetamido-2-deoxy-beta-D-glucopyranose
#
loop_
_entity_poly.entity_id
_entity_poly.type
_entity_poly.pdbx_seq_one_letter_code
_entity_poly.pdbx_strand_id
1 'polypeptide(L)'
;IPVIEPSVPELVVKPGATVTLRCVGNGSVEWDGPPSPHWTLYSDGSSSILSTNNATFQNTGTYRCTEPGDPLGGSAAIHL
YVKDPARPWNVLAQEVVVFEDQDALLPCLLTDPVLEAGVSLVRVRGRPLMRHTNYSFSPWHGFTIHRAKFIQSQDYQCSA
LMGGRKVMSISIRLKVQKVIPGPPALTLVPAELVRIRGEAAQIVCSASSVDVNFDVFLQHQNTKLAIPQQSDFHNNRYQK
VLTLNLDQVDFQHAGNYSCVASNVQGKHSTSMFFRVVGTKHHHHHH
;
A,C
2 'polypeptide(L)'
;MGSSHHHHHHSSGLVPRGSHMEEVSEYCSHMIGSGHLQSLQRLIDSQMETSCQITFEFVDQEQLKDPVCYLKKAFLLVQD
IMEDTMRFRDNTPNAIAIVQLQELSLRLKSCFTKDYEEHDKACVRTFYETPLQLLEKVKNVFNETKNLLDKDWNIFSKNC
NNSFAECSSQ
;
B,D
#
# COMPACT_ATOMS: atom_id res chain seq x y z
N ILE A 1 28.10 -5.58 -58.37
CA ILE A 1 27.31 -4.59 -57.65
C ILE A 1 27.11 -3.36 -58.55
N PRO A 2 25.92 -2.76 -58.51
CA PRO A 2 25.69 -1.58 -59.35
C PRO A 2 26.34 -0.32 -58.80
N VAL A 3 26.52 0.68 -59.66
CA VAL A 3 27.23 1.90 -59.30
C VAL A 3 26.34 3.13 -59.41
N ILE A 4 26.24 3.89 -58.33
CA ILE A 4 25.46 5.11 -58.32
C ILE A 4 26.32 6.37 -58.45
N GLU A 5 25.95 7.23 -59.39
CA GLU A 5 26.54 8.57 -59.46
C GLU A 5 25.45 9.59 -59.14
N PRO A 6 25.78 10.59 -58.31
CA PRO A 6 27.08 10.92 -57.71
C PRO A 6 27.57 9.93 -56.65
N SER A 7 28.87 9.70 -56.60
CA SER A 7 29.45 8.85 -55.56
C SER A 7 29.56 9.60 -54.25
N VAL A 8 28.40 9.85 -53.63
CA VAL A 8 28.33 10.49 -52.34
C VAL A 8 27.30 9.75 -51.49
N PRO A 9 27.56 9.64 -50.17
CA PRO A 9 26.64 8.89 -49.31
C PRO A 9 25.26 9.55 -49.21
N GLU A 10 25.22 10.88 -49.28
CA GLU A 10 23.96 11.59 -49.15
C GLU A 10 23.95 12.93 -49.89
N LEU A 11 22.75 13.44 -50.17
CA LEU A 11 22.57 14.75 -50.78
C LEU A 11 21.63 15.62 -49.95
N VAL A 12 21.91 16.92 -49.93
CA VAL A 12 21.01 17.86 -49.26
C VAL A 12 20.61 18.97 -50.23
N VAL A 13 19.31 19.08 -50.48
CA VAL A 13 18.80 20.02 -51.47
C VAL A 13 17.63 20.83 -50.91
N LYS A 14 17.32 21.94 -51.56
CA LYS A 14 16.18 22.76 -51.20
C LYS A 14 14.95 22.29 -51.98
N PRO A 15 13.74 22.56 -51.44
CA PRO A 15 12.54 22.30 -52.25
C PRO A 15 12.58 23.07 -53.56
N GLY A 16 12.37 22.37 -54.68
CA GLY A 16 12.45 23.00 -55.98
C GLY A 16 13.68 22.59 -56.76
N ALA A 17 14.67 22.06 -56.04
CA ALA A 17 15.93 21.68 -56.67
C ALA A 17 15.73 20.53 -57.64
N THR A 18 16.68 20.38 -58.55
CA THR A 18 16.68 19.28 -59.50
C THR A 18 17.62 18.19 -59.00
N VAL A 19 17.11 16.97 -58.90
CA VAL A 19 17.91 15.85 -58.45
C VAL A 19 17.93 14.76 -59.51
N THR A 20 19.12 14.24 -59.81
CA THR A 20 19.26 13.21 -60.82
C THR A 20 20.13 12.07 -60.33
N LEU A 21 19.51 10.92 -60.07
CA LEU A 21 20.22 9.75 -59.59
C LEU A 21 20.40 8.74 -60.73
N ARG A 22 21.64 8.37 -61.01
CA ARG A 22 21.92 7.43 -62.09
C ARG A 22 22.61 6.18 -61.57
N CYS A 23 22.10 5.03 -61.99
CA CYS A 23 22.66 3.74 -61.59
C CYS A 23 23.08 2.93 -62.81
N VAL A 24 24.21 2.23 -62.69
CA VAL A 24 24.77 1.46 -63.80
C VAL A 24 25.25 0.09 -63.33
N GLY A 25 24.82 -0.95 -64.04
CA GLY A 25 25.28 -2.31 -63.80
C GLY A 25 25.73 -2.97 -65.08
N ASN A 26 25.91 -4.29 -65.03
CA ASN A 26 26.19 -5.07 -66.22
C ASN A 26 24.88 -5.45 -66.90
N GLY A 27 23.91 -5.88 -66.10
CA GLY A 27 22.58 -6.22 -66.58
C GLY A 27 21.61 -5.14 -66.14
N SER A 28 20.35 -5.29 -66.53
CA SER A 28 19.33 -4.30 -66.19
C SER A 28 19.28 -4.02 -64.68
N VAL A 29 19.06 -2.76 -64.31
CA VAL A 29 18.97 -2.38 -62.91
C VAL A 29 17.68 -1.61 -62.64
N GLU A 30 17.31 -1.51 -61.36
CA GLU A 30 16.07 -0.84 -60.99
C GLU A 30 16.20 -0.15 -59.63
N TRP A 31 15.53 0.98 -59.50
CA TRP A 31 15.55 1.79 -58.28
C TRP A 31 14.38 1.47 -57.36
N ASP A 32 14.63 1.53 -56.05
CA ASP A 32 13.56 1.53 -55.07
C ASP A 32 13.83 2.60 -54.01
N GLY A 33 12.77 3.24 -53.54
CA GLY A 33 12.89 4.31 -52.57
C GLY A 33 11.53 4.80 -52.11
N PRO A 34 11.50 5.91 -51.35
CA PRO A 34 10.25 6.48 -50.85
C PRO A 34 9.22 6.72 -51.94
N PRO A 35 7.97 6.27 -51.74
CA PRO A 35 6.87 6.58 -52.66
C PRO A 35 6.61 8.08 -52.70
N SER A 36 7.12 8.73 -53.74
CA SER A 36 7.17 10.19 -53.75
C SER A 36 6.84 10.75 -55.13
N PRO A 37 6.39 12.01 -55.18
CA PRO A 37 5.93 12.59 -56.45
C PRO A 37 7.04 13.12 -57.34
N HIS A 38 6.68 13.50 -58.56
CA HIS A 38 7.54 14.23 -59.49
C HIS A 38 8.77 13.47 -59.96
N TRP A 39 8.87 12.19 -59.60
CA TRP A 39 9.99 11.38 -60.10
C TRP A 39 9.78 10.97 -61.55
N THR A 40 10.78 11.23 -62.37
CA THR A 40 10.80 10.69 -63.73
C THR A 40 11.83 9.58 -63.78
N LEU A 41 11.55 8.54 -64.57
CA LEU A 41 12.43 7.38 -64.63
C LEU A 41 12.86 7.08 -66.05
N TYR A 42 14.17 7.05 -66.28
CA TYR A 42 14.72 6.69 -67.58
C TYR A 42 15.52 5.41 -67.45
N SER A 43 15.23 4.44 -68.33
CA SER A 43 15.87 3.14 -68.23
C SER A 43 16.10 2.48 -69.58
N ASP A 44 17.28 1.92 -69.73
CA ASP A 44 17.59 1.11 -70.87
C ASP A 44 18.13 -0.24 -70.43
N GLY A 45 19.07 -0.73 -71.19
CA GLY A 45 19.66 -2.01 -70.91
C GLY A 45 20.49 -2.15 -69.69
N SER A 46 21.35 -1.18 -69.41
CA SER A 46 22.30 -1.36 -68.34
C SER A 46 22.24 -0.32 -67.28
N SER A 47 21.46 0.71 -67.51
CA SER A 47 21.45 1.83 -66.62
C SER A 47 20.06 2.28 -66.39
N SER A 48 19.88 2.95 -65.28
CA SER A 48 18.58 3.51 -64.93
C SER A 48 18.73 4.86 -64.22
N ILE A 49 17.84 5.81 -64.53
CA ILE A 49 17.97 7.17 -64.03
C ILE A 49 16.69 7.71 -63.39
N LEU A 50 16.77 8.05 -62.10
CA LEU A 50 15.72 8.81 -61.43
C LEU A 50 16.01 10.29 -61.57
N SER A 51 14.97 11.08 -61.81
CA SER A 51 15.14 12.52 -61.94
C SER A 51 13.85 13.28 -61.64
N THR A 52 13.99 14.44 -61.00
CA THR A 52 12.86 15.30 -60.69
C THR A 52 13.22 16.77 -60.91
N ASN A 53 12.22 17.57 -61.27
CA ASN A 53 12.44 19.00 -61.44
C ASN A 53 11.95 19.80 -60.22
N ASN A 54 10.99 19.22 -59.52
CA ASN A 54 10.50 19.81 -58.30
C ASN A 54 10.64 18.89 -57.11
N ALA A 55 11.83 18.89 -56.53
CA ALA A 55 12.09 18.04 -55.38
C ALA A 55 11.32 18.54 -54.16
N THR A 56 10.65 17.62 -53.47
CA THR A 56 9.87 17.98 -52.30
C THR A 56 10.32 17.17 -51.09
N PHE A 57 9.85 17.55 -49.91
CA PHE A 57 10.23 16.88 -48.66
C PHE A 57 9.84 15.40 -48.66
N GLN A 58 8.83 15.04 -49.44
CA GLN A 58 8.38 13.66 -49.52
C GLN A 58 9.41 12.79 -50.23
N ASN A 59 10.28 13.42 -51.01
CA ASN A 59 11.35 12.70 -51.71
C ASN A 59 12.49 12.30 -50.78
N THR A 60 12.44 12.78 -49.54
CA THR A 60 13.48 12.45 -48.56
C THR A 60 13.50 10.97 -48.19
N GLY A 61 14.68 10.35 -48.30
CA GLY A 61 14.85 8.96 -47.92
C GLY A 61 16.00 8.29 -48.66
N THR A 62 16.20 7.01 -48.38
CA THR A 62 17.24 6.23 -49.04
C THR A 62 16.77 5.68 -50.38
N TYR A 63 17.57 5.88 -51.42
CA TYR A 63 17.28 5.32 -52.72
C TYR A 63 18.28 4.23 -53.04
N ARG A 64 17.77 3.01 -53.20
CA ARG A 64 18.62 1.84 -53.34
C ARG A 64 18.53 1.28 -54.76
N CYS A 65 19.68 0.94 -55.33
CA CYS A 65 19.72 0.39 -56.68
C CYS A 65 20.25 -1.03 -56.69
N THR A 66 19.54 -1.92 -57.37
CA THR A 66 19.90 -3.32 -57.43
C THR A 66 19.84 -3.80 -58.87
N GLU A 67 20.62 -4.84 -59.18
CA GLU A 67 20.61 -5.42 -60.51
C GLU A 67 19.95 -6.79 -60.49
N PRO A 68 18.64 -6.83 -60.79
CA PRO A 68 17.92 -8.11 -60.77
C PRO A 68 18.49 -9.06 -61.81
N GLY A 69 18.53 -10.35 -61.50
CA GLY A 69 19.12 -11.33 -62.40
C GLY A 69 20.58 -11.55 -62.07
N ASP A 70 21.14 -10.65 -61.28
CA ASP A 70 22.42 -10.92 -60.70
C ASP A 70 22.19 -11.28 -59.27
N PRO A 71 22.64 -12.46 -58.93
CA PRO A 71 22.25 -13.05 -57.67
C PRO A 71 23.35 -12.85 -56.69
N LEU A 72 23.03 -12.27 -55.56
CA LEU A 72 24.05 -12.05 -54.61
C LEU A 72 24.87 -10.93 -55.15
N GLY A 73 24.33 -10.19 -56.10
CA GLY A 73 25.06 -9.02 -56.57
C GLY A 73 25.38 -7.94 -55.59
N GLY A 74 24.42 -7.77 -54.71
CA GLY A 74 24.37 -6.70 -53.73
C GLY A 74 23.65 -5.45 -54.23
N SER A 75 23.56 -4.45 -53.36
CA SER A 75 22.91 -3.20 -53.72
C SER A 75 23.80 -1.98 -53.51
N ALA A 76 23.39 -0.86 -54.08
CA ALA A 76 24.04 0.42 -53.84
C ALA A 76 22.99 1.43 -53.39
N ALA A 77 23.36 2.31 -52.46
CA ALA A 77 22.40 3.22 -51.86
C ALA A 77 22.89 4.66 -51.81
N ILE A 78 21.93 5.58 -51.77
CA ILE A 78 22.20 6.99 -51.58
C ILE A 78 21.02 7.60 -50.83
N HIS A 79 21.29 8.55 -49.94
CA HIS A 79 20.22 9.16 -49.16
C HIS A 79 19.96 10.59 -49.60
N LEU A 80 18.70 10.93 -49.81
CA LEU A 80 18.32 12.27 -50.22
C LEU A 80 17.67 13.04 -49.09
N TYR A 81 18.21 14.22 -48.81
CA TYR A 81 17.59 15.17 -47.89
C TYR A 81 17.00 16.33 -48.68
N VAL A 82 15.71 16.60 -48.47
CA VAL A 82 15.13 17.80 -49.05
C VAL A 82 14.71 18.71 -47.89
N LYS A 83 15.58 19.65 -47.54
CA LYS A 83 15.39 20.43 -46.33
C LYS A 83 14.32 21.50 -46.51
N ASP A 84 13.07 21.06 -46.43
CA ASP A 84 11.92 21.94 -46.42
C ASP A 84 11.89 22.67 -45.08
N PRO A 85 12.01 24.01 -45.11
CA PRO A 85 11.98 24.84 -43.90
C PRO A 85 10.68 24.69 -43.11
N ALA A 86 9.62 24.27 -43.79
CA ALA A 86 8.32 24.09 -43.13
C ALA A 86 8.11 22.63 -42.70
N ARG A 87 8.68 21.70 -43.46
CA ARG A 87 8.42 20.28 -43.25
C ARG A 87 9.70 19.52 -42.90
N PRO A 88 9.98 19.35 -41.60
CA PRO A 88 11.17 18.65 -41.13
C PRO A 88 11.06 17.13 -41.22
N TRP A 89 9.84 16.62 -41.36
CA TRP A 89 9.63 15.17 -41.31
C TRP A 89 8.99 14.58 -42.56
N ASN A 90 9.57 13.49 -43.04
CA ASN A 90 8.91 12.66 -44.05
C ASN A 90 8.58 11.28 -43.46
N VAL A 91 7.36 11.14 -42.97
CA VAL A 91 6.91 9.88 -42.35
C VAL A 91 6.59 8.85 -43.42
N LEU A 92 7.26 7.69 -43.36
CA LEU A 92 7.01 6.64 -44.33
C LEU A 92 5.78 5.80 -43.98
N ALA A 93 5.50 5.66 -42.70
CA ALA A 93 4.39 4.83 -42.26
C ALA A 93 3.75 5.35 -40.98
N GLN A 94 2.43 5.37 -40.95
CA GLN A 94 1.69 5.83 -39.76
C GLN A 94 1.30 4.66 -38.88
N GLU A 95 1.74 3.47 -39.25
CA GLU A 95 1.46 2.28 -38.44
C GLU A 95 2.65 1.32 -38.43
N VAL A 96 2.99 0.88 -37.23
CA VAL A 96 4.08 -0.06 -37.04
C VAL A 96 3.65 -1.17 -36.09
N VAL A 97 3.93 -2.42 -36.46
CA VAL A 97 3.59 -3.55 -35.60
C VAL A 97 4.82 -4.41 -35.31
N VAL A 98 5.02 -4.70 -34.03
CA VAL A 98 6.11 -5.57 -33.59
C VAL A 98 5.63 -6.45 -32.45
N PHE A 99 6.50 -7.37 -32.01
CA PHE A 99 6.23 -8.17 -30.83
C PHE A 99 7.04 -7.63 -29.67
N GLU A 100 6.68 -8.03 -28.45
CA GLU A 100 7.39 -7.59 -27.26
C GLU A 100 8.87 -7.92 -27.32
N ASP A 101 9.69 -7.04 -26.75
CA ASP A 101 11.14 -7.20 -26.68
C ASP A 101 11.81 -7.16 -28.05
N GLN A 102 11.10 -6.61 -29.03
CA GLN A 102 11.71 -6.31 -30.32
C GLN A 102 11.99 -4.82 -30.43
N ASP A 103 12.93 -4.45 -31.29
CA ASP A 103 13.12 -3.04 -31.62
C ASP A 103 11.95 -2.58 -32.47
N ALA A 104 11.52 -1.35 -32.28
CA ALA A 104 10.39 -0.80 -33.02
C ALA A 104 10.81 0.48 -33.72
N LEU A 105 10.99 0.39 -35.04
CA LEU A 105 11.39 1.54 -35.82
C LEU A 105 10.19 2.38 -36.21
N LEU A 106 10.18 3.63 -35.77
CA LEU A 106 9.17 4.59 -36.18
C LEU A 106 9.75 5.43 -37.32
N PRO A 107 9.31 5.14 -38.56
CA PRO A 107 9.96 5.64 -39.78
C PRO A 107 9.64 7.10 -40.10
N CYS A 108 10.02 8.02 -39.22
CA CYS A 108 9.94 9.44 -39.56
C CYS A 108 11.31 9.93 -40.03
N LEU A 109 11.41 10.23 -41.32
CA LEU A 109 12.69 10.64 -41.90
C LEU A 109 12.92 12.15 -41.77
N LEU A 110 14.03 12.51 -41.13
CA LEU A 110 14.40 13.90 -40.95
C LEU A 110 14.87 14.48 -42.28
N THR A 111 14.31 15.62 -42.66
CA THR A 111 14.58 16.21 -43.97
C THR A 111 15.82 17.10 -43.98
N ASP A 112 16.43 17.27 -42.80
CA ASP A 112 17.60 18.12 -42.66
C ASP A 112 18.47 17.61 -41.50
N PRO A 113 19.66 17.09 -41.83
CA PRO A 113 20.51 16.39 -40.85
C PRO A 113 21.02 17.28 -39.71
N VAL A 114 21.15 18.59 -39.95
CA VAL A 114 21.65 19.48 -38.91
C VAL A 114 20.67 19.62 -37.74
N LEU A 115 19.42 19.23 -37.98
CA LEU A 115 18.38 19.30 -36.96
C LEU A 115 18.48 18.20 -35.90
N GLU A 116 19.25 17.15 -36.20
CA GLU A 116 19.35 15.97 -35.34
C GLU A 116 19.61 16.26 -33.86
N ALA A 117 20.46 17.24 -33.58
CA ALA A 117 20.79 17.60 -32.21
C ALA A 117 19.58 18.09 -31.41
N GLY A 118 18.52 18.49 -32.10
CA GLY A 118 17.34 19.02 -31.43
C GLY A 118 16.06 18.27 -31.74
N VAL A 119 16.15 16.95 -31.91
CA VAL A 119 14.95 16.15 -32.14
C VAL A 119 14.65 15.24 -30.97
N SER A 120 13.37 14.89 -30.83
CA SER A 120 12.92 14.03 -29.75
C SER A 120 11.66 13.27 -30.17
N LEU A 121 11.37 12.20 -29.44
CA LEU A 121 10.15 11.42 -29.68
C LEU A 121 9.14 11.66 -28.58
N VAL A 122 7.90 11.96 -28.96
CA VAL A 122 6.85 12.26 -28.00
C VAL A 122 5.57 11.52 -28.36
N ARG A 123 4.54 11.70 -27.54
CA ARG A 123 3.23 11.11 -27.82
C ARG A 123 2.23 12.18 -28.25
N VAL A 124 1.10 11.77 -28.78
CA VAL A 124 0.17 12.76 -29.24
C VAL A 124 -0.38 13.52 -28.08
N ARG A 125 -0.89 14.72 -28.34
CA ARG A 125 -1.51 15.52 -27.32
C ARG A 125 -0.50 15.93 -26.28
N GLY A 126 0.75 15.92 -26.67
CA GLY A 126 1.79 16.53 -25.88
C GLY A 126 2.22 15.65 -24.73
N ARG A 127 1.60 14.49 -24.60
CA ARG A 127 1.93 13.61 -23.49
C ARG A 127 3.35 13.17 -23.64
N PRO A 128 3.96 12.81 -22.53
CA PRO A 128 5.33 12.32 -22.54
C PRO A 128 5.43 10.84 -22.79
N LEU A 129 6.63 10.41 -23.15
CA LEU A 129 6.87 9.02 -23.41
C LEU A 129 6.59 8.24 -22.16
N MET A 130 6.17 7.01 -22.32
CA MET A 130 5.92 6.14 -21.18
C MET A 130 7.20 5.99 -20.37
N ARG A 131 7.06 5.67 -19.08
CA ARG A 131 8.20 5.58 -18.19
C ARG A 131 9.14 4.47 -18.61
N HIS A 132 10.45 4.72 -18.50
CA HIS A 132 11.50 3.79 -18.89
C HIS A 132 11.40 3.41 -20.37
N THR A 133 11.17 4.40 -21.22
CA THR A 133 11.21 4.17 -22.66
C THR A 133 12.63 4.29 -23.19
N ASN A 134 13.21 3.14 -23.50
CA ASN A 134 14.53 3.05 -24.10
C ASN A 134 14.47 3.31 -25.61
N TYR A 135 15.07 4.39 -26.09
CA TYR A 135 15.02 4.68 -27.52
C TYR A 135 16.20 5.50 -28.03
N SER A 136 16.41 5.44 -29.34
CA SER A 136 17.49 6.18 -30.00
C SER A 136 17.04 6.67 -31.37
N PHE A 137 17.86 7.50 -32.00
CA PHE A 137 17.49 8.12 -33.26
C PHE A 137 18.56 7.98 -34.34
N SER A 138 18.13 7.69 -35.57
CA SER A 138 19.00 7.73 -36.73
C SER A 138 18.33 8.55 -37.83
N PRO A 139 19.07 9.53 -38.37
CA PRO A 139 18.54 10.49 -39.35
C PRO A 139 17.97 9.82 -40.59
N TRP A 140 18.64 8.75 -41.05
CA TRP A 140 18.24 8.04 -42.26
C TRP A 140 17.01 7.16 -42.05
N HIS A 141 16.69 6.84 -40.80
CA HIS A 141 15.68 5.83 -40.51
C HIS A 141 14.55 6.30 -39.61
N GLY A 142 14.90 6.98 -38.51
CA GLY A 142 13.92 7.45 -37.56
C GLY A 142 14.18 6.95 -36.15
N PHE A 143 13.19 7.10 -35.27
CA PHE A 143 13.32 6.67 -33.89
C PHE A 143 13.08 5.17 -33.71
N THR A 144 13.99 4.51 -33.01
CA THR A 144 13.84 3.11 -32.68
C THR A 144 13.65 2.93 -31.17
N ILE A 145 12.48 2.41 -30.79
CA ILE A 145 12.24 2.08 -29.39
C ILE A 145 12.79 0.68 -29.12
N HIS A 146 13.75 0.59 -28.22
CA HIS A 146 14.46 -0.66 -27.96
C HIS A 146 13.72 -1.54 -26.97
N ARG A 147 13.61 -2.82 -27.30
CA ARG A 147 12.90 -3.81 -26.49
C ARG A 147 11.49 -3.34 -26.15
N ALA A 148 10.68 -3.18 -27.18
CA ALA A 148 9.32 -2.65 -27.06
C ALA A 148 8.46 -3.49 -26.12
N LYS A 149 7.55 -2.81 -25.43
CA LYS A 149 6.64 -3.47 -24.48
C LYS A 149 5.20 -3.18 -24.87
N PHE A 150 4.30 -4.07 -24.48
CA PHE A 150 2.87 -3.91 -24.76
C PHE A 150 2.35 -2.55 -24.31
N ILE A 151 2.81 -2.10 -23.16
CA ILE A 151 2.40 -0.83 -22.59
C ILE A 151 2.73 0.36 -23.49
N GLN A 152 3.72 0.19 -24.37
CA GLN A 152 4.16 1.26 -25.25
C GLN A 152 3.37 1.32 -26.55
N SER A 153 2.28 0.56 -26.62
CA SER A 153 1.40 0.61 -27.78
C SER A 153 0.63 1.92 -27.76
N GLN A 154 1.20 2.95 -28.40
CA GLN A 154 0.67 4.31 -28.33
C GLN A 154 0.76 5.01 -29.69
N ASP A 155 0.14 6.18 -29.78
CA ASP A 155 0.28 7.04 -30.95
C ASP A 155 1.40 8.05 -30.72
N TYR A 156 2.44 7.98 -31.53
CA TYR A 156 3.63 8.79 -31.32
C TYR A 156 3.74 9.94 -32.31
N GLN A 157 4.66 10.86 -32.01
CA GLN A 157 4.98 11.97 -32.91
C GLN A 157 6.46 12.30 -32.82
N CYS A 158 7.04 12.67 -33.94
CA CYS A 158 8.45 13.07 -33.96
C CYS A 158 8.59 14.58 -33.83
N SER A 159 9.35 15.01 -32.83
CA SER A 159 9.53 16.43 -32.55
C SER A 159 10.83 16.96 -33.14
N ALA A 160 10.71 18.08 -33.87
CA ALA A 160 11.87 18.75 -34.42
C ALA A 160 11.93 20.19 -33.92
N LEU A 161 13.10 20.61 -33.47
CA LEU A 161 13.25 21.96 -32.91
C LEU A 161 13.69 22.93 -33.99
N MET A 162 12.76 23.79 -34.42
CA MET A 162 13.04 24.76 -35.47
C MET A 162 12.60 26.15 -35.05
N GLY A 163 13.57 27.04 -34.87
CA GLY A 163 13.30 28.41 -34.45
C GLY A 163 12.54 28.48 -33.14
N GLY A 164 12.99 27.71 -32.16
CA GLY A 164 12.38 27.72 -30.84
C GLY A 164 11.18 26.80 -30.71
N ARG A 165 10.26 26.89 -31.66
CA ARG A 165 9.06 26.08 -31.63
C ARG A 165 9.34 24.62 -32.02
N LYS A 166 8.73 23.70 -31.30
CA LYS A 166 8.80 22.27 -31.65
C LYS A 166 7.74 21.94 -32.68
N VAL A 167 8.17 21.42 -33.83
CA VAL A 167 7.24 21.12 -34.91
C VAL A 167 7.04 19.61 -35.04
N MET A 168 5.78 19.18 -35.08
CA MET A 168 5.44 17.78 -35.01
C MET A 168 5.27 17.13 -36.36
N SER A 169 5.63 15.84 -36.44
CA SER A 169 5.31 15.03 -37.59
C SER A 169 3.87 14.56 -37.46
N ILE A 170 3.34 13.94 -38.51
CA ILE A 170 2.04 13.30 -38.40
C ILE A 170 2.17 12.11 -37.45
N SER A 171 1.05 11.70 -36.85
CA SER A 171 1.08 10.65 -35.85
C SER A 171 1.51 9.30 -36.42
N ILE A 172 2.15 8.49 -35.58
CA ILE A 172 2.54 7.13 -35.95
C ILE A 172 2.07 6.15 -34.90
N ARG A 173 1.14 5.27 -35.27
CA ARG A 173 0.62 4.27 -34.34
C ARG A 173 1.54 3.07 -34.22
N LEU A 174 1.93 2.76 -32.99
CA LEU A 174 2.75 1.58 -32.73
C LEU A 174 1.93 0.48 -32.07
N LYS A 175 1.98 -0.71 -32.66
CA LYS A 175 1.34 -1.87 -32.07
C LYS A 175 2.39 -2.82 -31.55
N VAL A 176 2.40 -3.03 -30.24
CA VAL A 176 3.28 -4.04 -29.66
C VAL A 176 2.42 -5.23 -29.23
N GLN A 177 2.81 -6.41 -29.71
CA GLN A 177 2.01 -7.61 -29.48
C GLN A 177 2.70 -8.55 -28.51
N LYS A 178 1.91 -9.14 -27.62
CA LYS A 178 2.43 -10.15 -26.72
C LYS A 178 2.79 -11.37 -27.55
N VAL A 179 3.93 -11.97 -27.29
CA VAL A 179 4.32 -13.16 -28.04
C VAL A 179 3.52 -14.34 -27.50
N ILE A 180 2.43 -14.65 -28.21
CA ILE A 180 1.55 -15.77 -27.87
C ILE A 180 2.03 -17.05 -28.56
N PRO A 181 2.62 -17.97 -27.79
CA PRO A 181 3.29 -19.15 -28.35
C PRO A 181 2.36 -20.01 -29.22
N GLY A 182 1.21 -20.41 -28.66
CA GLY A 182 0.26 -21.20 -29.41
C GLY A 182 -1.15 -21.10 -28.86
N PRO A 183 -1.99 -22.10 -29.17
CA PRO A 183 -3.37 -22.19 -28.65
C PRO A 183 -3.41 -22.17 -27.12
N PRO A 184 -4.56 -21.78 -26.54
CA PRO A 184 -4.72 -21.70 -25.09
C PRO A 184 -4.39 -23.01 -24.38
N ALA A 185 -3.67 -22.90 -23.25
CA ALA A 185 -3.27 -24.07 -22.49
C ALA A 185 -4.47 -24.69 -21.77
N LEU A 186 -4.76 -25.95 -22.08
CA LEU A 186 -5.93 -26.63 -21.54
C LEU A 186 -5.63 -27.44 -20.28
N THR A 187 -6.64 -27.54 -19.41
CA THR A 187 -6.59 -28.42 -18.24
C THR A 187 -7.95 -29.06 -18.00
N LEU A 188 -8.16 -30.26 -18.55
CA LEU A 188 -9.40 -30.98 -18.34
C LEU A 188 -9.23 -32.09 -17.31
N VAL A 189 -9.96 -31.98 -16.21
CA VAL A 189 -9.88 -32.96 -15.13
C VAL A 189 -11.28 -33.32 -14.63
N PRO A 190 -11.47 -34.59 -14.22
CA PRO A 190 -10.48 -35.66 -14.19
C PRO A 190 -10.31 -36.35 -15.56
N ALA A 191 -9.13 -36.93 -15.78
CA ALA A 191 -8.83 -37.62 -17.04
C ALA A 191 -9.68 -38.88 -17.20
N GLU A 192 -9.92 -39.57 -16.08
CA GLU A 192 -10.79 -40.73 -16.06
C GLU A 192 -11.92 -40.54 -15.06
N LEU A 193 -13.09 -41.09 -15.37
CA LEU A 193 -14.24 -40.99 -14.47
C LEU A 193 -15.24 -42.11 -14.71
N VAL A 194 -15.77 -42.65 -13.62
CA VAL A 194 -16.81 -43.67 -13.69
C VAL A 194 -17.71 -43.59 -12.46
N ARG A 195 -19.01 -43.44 -12.67
CA ARG A 195 -19.96 -43.30 -11.58
C ARG A 195 -21.14 -44.25 -11.71
N ILE A 196 -21.86 -44.43 -10.61
CA ILE A 196 -23.12 -45.19 -10.62
C ILE A 196 -24.27 -44.23 -10.88
N ARG A 197 -25.26 -44.69 -11.64
CA ARG A 197 -26.42 -43.87 -11.97
C ARG A 197 -27.19 -43.45 -10.72
N ALA A 200 -23.09 -38.46 -8.24
CA ALA A 200 -22.71 -37.11 -8.66
C ALA A 200 -21.35 -37.10 -9.34
N ALA A 201 -21.10 -36.07 -10.14
CA ALA A 201 -19.83 -35.93 -10.85
C ALA A 201 -19.55 -34.47 -11.19
N GLN A 202 -18.28 -34.15 -11.45
CA GLN A 202 -17.89 -32.80 -11.83
C GLN A 202 -16.82 -32.80 -12.92
N ILE A 203 -17.04 -32.00 -13.96
CA ILE A 203 -16.08 -31.84 -15.04
C ILE A 203 -15.78 -30.38 -15.30
N VAL A 204 -14.51 -29.98 -15.16
CA VAL A 204 -14.12 -28.60 -15.37
C VAL A 204 -13.19 -28.44 -16.58
N CYS A 205 -13.70 -27.77 -17.61
CA CYS A 205 -12.90 -27.42 -18.77
C CYS A 205 -12.30 -26.05 -18.60
N SER A 206 -10.99 -25.94 -18.75
CA SER A 206 -10.29 -24.69 -18.52
C SER A 206 -9.26 -24.38 -19.61
N ALA A 207 -9.09 -23.09 -19.89
CA ALA A 207 -8.07 -22.62 -20.82
C ALA A 207 -7.49 -21.30 -20.33
N SER A 208 -6.20 -21.08 -20.58
CA SER A 208 -5.55 -19.86 -20.10
C SER A 208 -4.49 -19.35 -21.07
N SER A 209 -4.56 -18.05 -21.36
CA SER A 209 -3.57 -17.41 -22.21
C SER A 209 -3.27 -15.99 -21.69
N VAL A 210 -2.12 -15.46 -22.07
CA VAL A 210 -1.75 -14.10 -21.68
C VAL A 210 -2.73 -13.08 -22.27
N ASP A 211 -3.34 -13.44 -23.39
CA ASP A 211 -4.34 -12.59 -24.03
C ASP A 211 -5.75 -13.07 -23.71
N VAL A 212 -6.71 -12.14 -23.80
CA VAL A 212 -8.11 -12.45 -23.54
C VAL A 212 -8.81 -13.05 -24.78
N ASN A 213 -8.32 -12.70 -25.96
CA ASN A 213 -8.96 -13.12 -27.21
C ASN A 213 -8.75 -14.59 -27.52
N PHE A 214 -9.52 -15.44 -26.84
CA PHE A 214 -9.48 -16.88 -27.10
C PHE A 214 -10.78 -17.54 -26.65
N ASP A 215 -11.22 -18.55 -27.39
CA ASP A 215 -12.42 -19.29 -27.06
C ASP A 215 -12.09 -20.58 -26.30
N VAL A 216 -13.07 -21.10 -25.59
CA VAL A 216 -12.97 -22.41 -24.98
C VAL A 216 -14.36 -23.03 -24.87
N PHE A 217 -14.48 -24.30 -25.24
CA PHE A 217 -15.77 -24.99 -25.18
C PHE A 217 -15.62 -26.42 -24.69
N LEU A 218 -16.60 -26.89 -23.94
CA LEU A 218 -16.65 -28.27 -23.52
C LEU A 218 -17.77 -28.95 -24.29
N GLN A 219 -17.47 -30.04 -24.98
CA GLN A 219 -18.48 -30.72 -25.77
C GLN A 219 -18.66 -32.18 -25.36
N HIS A 220 -19.91 -32.57 -25.21
CA HIS A 220 -20.26 -33.98 -25.00
C HIS A 220 -20.40 -34.65 -26.35
N GLN A 221 -19.52 -35.61 -26.63
CA GLN A 221 -19.39 -36.22 -27.96
C GLN A 221 -18.99 -35.16 -28.99
N ASN A 222 -19.90 -34.86 -29.90
CA ASN A 222 -19.67 -33.81 -30.89
C ASN A 222 -20.75 -32.73 -30.81
N THR A 223 -21.60 -32.83 -29.80
CA THR A 223 -22.61 -31.81 -29.53
C THR A 223 -22.21 -30.96 -28.33
N LYS A 224 -21.80 -29.72 -28.58
CA LYS A 224 -21.27 -28.86 -27.53
C LYS A 224 -22.33 -28.49 -26.51
N LEU A 225 -21.93 -28.43 -25.24
CA LEU A 225 -22.84 -28.11 -24.15
C LEU A 225 -22.82 -26.62 -23.84
N ALA A 226 -23.96 -26.09 -23.42
CA ALA A 226 -24.08 -24.68 -23.09
C ALA A 226 -23.82 -24.43 -21.61
N ILE A 227 -22.54 -24.28 -21.26
CA ILE A 227 -22.15 -24.05 -19.88
C ILE A 227 -21.61 -22.63 -19.71
N PRO A 228 -22.18 -21.87 -18.76
CA PRO A 228 -21.68 -20.52 -18.48
C PRO A 228 -20.27 -20.58 -17.91
N GLN A 229 -19.34 -19.86 -18.53
CA GLN A 229 -17.94 -19.93 -18.14
C GLN A 229 -17.54 -18.81 -17.16
N GLN A 230 -16.86 -19.19 -16.09
CA GLN A 230 -16.32 -18.23 -15.14
C GLN A 230 -14.99 -17.70 -15.65
N SER A 231 -14.83 -16.38 -15.61
CA SER A 231 -13.66 -15.73 -16.17
C SER A 231 -12.95 -14.81 -15.18
N ASP A 232 -11.64 -15.01 -15.02
CA ASP A 232 -10.85 -14.22 -14.09
C ASP A 232 -9.44 -13.98 -14.58
N PHE A 233 -8.84 -12.88 -14.14
CA PHE A 233 -7.46 -12.52 -14.48
C PHE A 233 -6.53 -12.61 -13.26
N HIS A 234 -5.51 -13.44 -13.34
CA HIS A 234 -4.57 -13.65 -12.25
C HIS A 234 -3.17 -13.91 -12.77
N ASN A 235 -2.16 -13.63 -11.95
CA ASN A 235 -0.76 -13.88 -12.30
C ASN A 235 -0.45 -13.47 -13.74
N ASN A 236 -0.96 -12.30 -14.11
CA ASN A 236 -0.77 -11.72 -15.44
C ASN A 236 -1.26 -12.63 -16.57
N ARG A 237 -2.23 -13.49 -16.27
CA ARG A 237 -2.82 -14.37 -17.27
C ARG A 237 -4.34 -14.43 -17.15
N TYR A 238 -5.01 -14.54 -18.29
CA TYR A 238 -6.46 -14.70 -18.34
C TYR A 238 -6.91 -16.16 -18.24
N GLN A 239 -7.89 -16.43 -17.38
CA GLN A 239 -8.46 -17.77 -17.27
C GLN A 239 -9.94 -17.79 -17.69
N LYS A 240 -10.35 -18.91 -18.29
CA LYS A 240 -11.74 -19.11 -18.68
C LYS A 240 -12.17 -20.55 -18.38
N VAL A 241 -13.03 -20.71 -17.39
CA VAL A 241 -13.36 -22.03 -16.86
C VAL A 241 -14.82 -22.42 -17.03
N LEU A 242 -15.05 -23.54 -17.71
CA LEU A 242 -16.39 -24.12 -17.86
C LEU A 242 -16.60 -25.22 -16.85
N THR A 243 -17.55 -25.03 -15.94
CA THR A 243 -17.80 -25.99 -14.88
C THR A 243 -19.12 -26.74 -15.07
N LEU A 244 -19.02 -28.04 -15.33
CA LEU A 244 -20.21 -28.88 -15.50
C LEU A 244 -20.56 -29.64 -14.23
N ASN A 245 -21.76 -29.41 -13.71
CA ASN A 245 -22.23 -30.11 -12.51
C ASN A 245 -23.42 -31.01 -12.80
N LEU A 246 -23.22 -32.32 -12.59
CA LEU A 246 -24.29 -33.29 -12.76
C LEU A 246 -24.72 -33.87 -11.42
N ASP A 247 -25.84 -33.37 -10.89
CA ASP A 247 -26.34 -33.84 -9.60
C ASP A 247 -26.92 -35.24 -9.70
N VAL A 249 -26.55 -38.12 -11.73
CA VAL A 249 -26.09 -38.57 -13.04
C VAL A 249 -26.92 -39.73 -13.56
N ASP A 250 -26.69 -40.11 -14.82
CA ASP A 250 -27.44 -41.17 -15.47
C ASP A 250 -26.70 -41.68 -16.69
N PHE A 251 -27.31 -42.63 -17.41
CA PHE A 251 -26.65 -43.28 -18.54
C PHE A 251 -26.51 -42.34 -19.74
N GLN A 252 -27.38 -41.35 -19.84
CA GLN A 252 -27.36 -40.43 -20.98
C GLN A 252 -26.29 -39.35 -20.82
N HIS A 253 -25.68 -39.29 -19.64
CA HIS A 253 -24.62 -38.31 -19.37
C HIS A 253 -23.23 -38.86 -19.70
N ALA A 254 -23.12 -40.18 -19.74
CA ALA A 254 -21.85 -40.85 -20.03
C ALA A 254 -21.38 -40.56 -21.46
N GLY A 255 -20.07 -40.63 -21.67
CA GLY A 255 -19.54 -40.45 -23.01
C GLY A 255 -18.21 -39.71 -23.09
N ASN A 256 -17.96 -39.12 -24.24
CA ASN A 256 -16.66 -38.54 -24.50
C ASN A 256 -16.70 -37.04 -24.46
N TYR A 257 -16.35 -36.50 -23.30
CA TYR A 257 -16.27 -35.06 -23.09
C TYR A 257 -14.96 -34.49 -23.60
N SER A 258 -15.04 -33.68 -24.66
CA SER A 258 -13.85 -33.03 -25.21
C SER A 258 -13.78 -31.57 -24.80
N CYS A 259 -12.63 -31.18 -24.26
CA CYS A 259 -12.39 -29.78 -23.89
C CYS A 259 -11.52 -29.12 -24.96
N VAL A 260 -12.10 -28.16 -25.66
CA VAL A 260 -11.44 -27.57 -26.81
C VAL A 260 -11.39 -26.04 -26.76
N ALA A 261 -10.22 -25.48 -27.01
CA ALA A 261 -10.03 -24.04 -26.96
C ALA A 261 -9.28 -23.55 -28.20
N SER A 262 -9.67 -22.38 -28.70
CA SER A 262 -9.09 -21.84 -29.93
C SER A 262 -8.70 -20.38 -29.78
N ASN A 263 -7.83 -19.92 -30.67
CA ASN A 263 -7.45 -18.51 -30.74
C ASN A 263 -6.93 -18.17 -32.14
N VAL A 264 -6.30 -17.00 -32.27
CA VAL A 264 -5.75 -16.58 -33.56
C VAL A 264 -4.63 -17.51 -34.01
N GLN A 265 -4.00 -18.19 -33.06
CA GLN A 265 -2.96 -19.18 -33.38
C GLN A 265 -3.55 -20.41 -34.04
N GLY A 266 -4.53 -21.03 -33.37
CA GLY A 266 -5.17 -22.22 -33.88
C GLY A 266 -6.11 -22.83 -32.86
N LYS A 267 -6.48 -24.08 -33.06
CA LYS A 267 -7.37 -24.76 -32.13
C LYS A 267 -6.65 -25.87 -31.37
N HIS A 268 -6.96 -26.01 -30.09
CA HIS A 268 -6.38 -27.05 -29.25
C HIS A 268 -7.50 -27.86 -28.61
N SER A 269 -7.24 -29.14 -28.33
CA SER A 269 -8.27 -30.01 -27.79
C SER A 269 -7.72 -31.05 -26.82
N THR A 270 -8.45 -31.28 -25.74
CA THR A 270 -8.15 -32.35 -24.80
C THR A 270 -9.47 -33.00 -24.40
N SER A 271 -9.42 -34.27 -23.97
CA SER A 271 -10.65 -35.01 -23.74
C SER A 271 -10.54 -36.10 -22.68
N MET A 272 -11.69 -36.59 -22.24
CA MET A 272 -11.78 -37.65 -21.24
C MET A 272 -12.97 -38.56 -21.53
N PHE A 273 -13.08 -39.66 -20.80
CA PHE A 273 -14.22 -40.55 -20.94
C PHE A 273 -15.00 -40.66 -19.63
N PHE A 274 -16.32 -40.71 -19.75
CA PHE A 274 -17.21 -40.79 -18.60
C PHE A 274 -18.06 -42.04 -18.71
N ARG A 275 -17.98 -42.92 -17.73
CA ARG A 275 -18.73 -44.17 -17.75
C ARG A 275 -19.84 -44.20 -16.70
N VAL A 276 -20.94 -44.87 -17.03
CA VAL A 276 -22.04 -45.05 -16.08
C VAL A 276 -22.35 -46.53 -15.90
N VAL A 277 -22.22 -47.01 -14.66
CA VAL A 277 -22.45 -48.41 -14.35
C VAL A 277 -23.83 -48.62 -13.73
N ILE B 1 -24.31 -9.00 59.98
CA ILE B 1 -23.99 -7.87 59.12
C ILE B 1 -24.35 -6.57 59.85
N PRO B 2 -23.51 -5.53 59.70
CA PRO B 2 -23.79 -4.26 60.38
C PRO B 2 -24.89 -3.45 59.69
N VAL B 3 -25.48 -2.51 60.42
CA VAL B 3 -26.63 -1.75 59.94
C VAL B 3 -26.35 -0.25 59.86
N ILE B 4 -26.55 0.32 58.67
CA ILE B 4 -26.36 1.76 58.48
C ILE B 4 -27.68 2.53 58.49
N GLU B 5 -27.72 3.58 59.31
CA GLU B 5 -28.81 4.54 59.23
C GLU B 5 -28.24 5.88 58.75
N PRO B 6 -28.92 6.53 57.80
CA PRO B 6 -30.22 6.18 57.19
C PRO B 6 -30.18 4.94 56.29
N SER B 7 -31.26 4.17 56.30
CA SER B 7 -31.40 3.03 55.40
C SER B 7 -31.79 3.50 54.00
N VAL B 8 -30.84 4.13 53.32
CA VAL B 8 -31.03 4.58 51.95
C VAL B 8 -29.76 4.25 51.17
N PRO B 9 -29.91 3.87 49.89
CA PRO B 9 -28.74 3.48 49.10
C PRO B 9 -27.77 4.63 48.90
N GLU B 10 -28.28 5.85 48.79
CA GLU B 10 -27.44 7.01 48.54
C GLU B 10 -28.00 8.31 49.09
N LEU B 11 -27.13 9.29 49.25
CA LEU B 11 -27.51 10.63 49.68
C LEU B 11 -26.99 11.68 48.70
N VAL B 12 -27.77 12.74 48.49
CA VAL B 12 -27.31 13.86 47.68
C VAL B 12 -27.44 15.15 48.47
N VAL B 13 -26.31 15.83 48.67
CA VAL B 13 -26.29 17.02 49.51
C VAL B 13 -25.54 18.16 48.83
N LYS B 14 -25.74 19.37 49.34
CA LYS B 14 -25.04 20.55 48.86
C LYS B 14 -23.76 20.75 49.66
N PRO B 15 -22.76 21.41 49.07
CA PRO B 15 -21.57 21.80 49.84
C PRO B 15 -21.96 22.66 51.04
N GLY B 16 -21.49 22.27 52.23
CA GLY B 16 -21.84 22.99 53.43
C GLY B 16 -22.80 22.21 54.30
N ALA B 17 -23.46 21.22 53.72
CA ALA B 17 -24.46 20.43 54.43
C ALA B 17 -23.84 19.61 55.54
N THR B 18 -24.66 19.20 56.49
CA THR B 18 -24.24 18.33 57.58
C THR B 18 -24.63 16.90 57.24
N VAL B 19 -23.65 16.00 57.28
CA VAL B 19 -23.90 14.60 57.00
C VAL B 19 -23.49 13.74 58.18
N THR B 20 -24.37 12.80 58.57
CA THR B 20 -24.09 11.93 59.70
C THR B 20 -24.40 10.48 59.39
N LEU B 21 -23.35 9.68 59.27
CA LEU B 21 -23.50 8.25 58.99
C LEU B 21 -23.29 7.44 60.26
N ARG B 22 -24.27 6.62 60.61
CA ARG B 22 -24.18 5.80 61.83
C ARG B 22 -24.29 4.32 61.51
N CYS B 23 -23.37 3.53 62.07
CA CYS B 23 -23.36 2.08 61.85
C CYS B 23 -23.44 1.31 63.17
N VAL B 24 -24.21 0.22 63.18
CA VAL B 24 -24.38 -0.58 64.39
C VAL B 24 -24.36 -2.09 64.15
N GLY B 25 -23.48 -2.80 64.85
CA GLY B 25 -23.50 -4.26 64.87
C GLY B 25 -23.33 -4.75 66.30
N ASN B 26 -23.14 -6.05 66.52
CA ASN B 26 -22.73 -6.49 67.86
C ASN B 26 -21.21 -6.55 67.91
N GLY B 27 -20.60 -5.56 68.56
CA GLY B 27 -19.16 -5.51 68.71
C GLY B 27 -18.64 -4.36 67.87
N SER B 28 -17.35 -4.08 67.97
CA SER B 28 -16.75 -2.95 67.27
C SER B 28 -17.01 -2.99 65.76
N VAL B 29 -17.27 -1.82 65.20
CA VAL B 29 -17.48 -1.68 63.76
C VAL B 29 -16.55 -0.59 63.25
N GLU B 30 -16.36 -0.53 61.93
CA GLU B 30 -15.43 0.43 61.36
C GLU B 30 -15.88 0.95 60.02
N TRP B 31 -15.64 2.23 59.77
CA TRP B 31 -15.98 2.86 58.51
C TRP B 31 -14.77 2.90 57.59
N ASP B 32 -14.98 2.72 56.30
CA ASP B 32 -13.96 3.02 55.32
C ASP B 32 -14.61 3.76 54.15
N GLY B 33 -13.88 4.71 53.58
CA GLY B 33 -14.39 5.51 52.49
C GLY B 33 -13.32 6.42 51.95
N PRO B 34 -13.71 7.34 51.05
CA PRO B 34 -12.79 8.31 50.44
C PRO B 34 -11.99 9.08 51.48
N PRO B 35 -10.66 9.16 51.29
CA PRO B 35 -9.82 10.01 52.14
C PRO B 35 -10.20 11.47 51.98
N SER B 36 -10.97 11.98 52.93
CA SER B 36 -11.63 13.27 52.76
C SER B 36 -11.61 14.10 54.04
N PRO B 37 -11.72 15.43 53.91
CA PRO B 37 -11.57 16.30 55.09
C PRO B 37 -12.83 16.43 55.94
N HIS B 38 -12.68 17.08 57.09
CA HIS B 38 -13.78 17.52 57.93
C HIS B 38 -14.60 16.38 58.54
N TRP B 39 -14.18 15.14 58.34
CA TRP B 39 -14.89 14.03 58.98
C TRP B 39 -14.53 13.92 60.46
N THR B 40 -15.57 13.86 61.29
CA THR B 40 -15.40 13.55 62.71
C THR B 40 -15.88 12.13 62.95
N LEU B 41 -15.23 11.43 63.87
CA LEU B 41 -15.56 10.03 64.12
C LEU B 41 -15.88 9.78 65.58
N TYR B 42 -17.08 9.24 65.84
CA TYR B 42 -17.48 8.86 67.17
C TYR B 42 -17.69 7.36 67.22
N SER B 43 -17.03 6.69 68.14
CA SER B 43 -17.08 5.27 68.15
C SER B 43 -17.17 4.76 69.54
N ASP B 44 -17.74 3.59 69.68
CA ASP B 44 -17.91 2.99 70.96
C ASP B 44 -18.02 1.49 70.78
N GLY B 45 -18.63 0.83 71.74
CA GLY B 45 -18.64 -0.61 71.72
C GLY B 45 -19.33 -1.28 70.58
N SER B 46 -20.50 -0.83 70.17
CA SER B 46 -21.23 -1.55 69.13
C SER B 46 -21.62 -0.71 67.94
N SER B 47 -21.25 0.53 68.03
CA SER B 47 -21.63 1.61 67.11
C SER B 47 -20.46 2.53 66.73
N SER B 48 -20.58 3.15 65.56
CA SER B 48 -19.60 4.11 65.08
C SER B 48 -20.27 5.17 64.19
N ILE B 49 -19.85 6.42 64.34
CA ILE B 49 -20.51 7.53 63.67
C ILE B 49 -19.56 8.45 62.92
N LEU B 50 -19.73 8.53 61.61
CA LEU B 50 -19.07 9.55 60.80
C LEU B 50 -19.95 10.78 60.74
N SER B 51 -19.34 11.96 60.86
CA SER B 51 -20.12 13.20 60.80
C SER B 51 -19.26 14.38 60.39
N THR B 52 -19.84 15.28 59.61
CA THR B 52 -19.17 16.50 59.17
C THR B 52 -20.11 17.69 59.19
N ASN B 53 -19.56 18.88 59.42
CA ASN B 53 -20.35 20.10 59.39
C ASN B 53 -20.19 20.86 58.06
N ASN B 54 -19.05 20.63 57.42
CA ASN B 54 -18.79 21.22 56.12
C ASN B 54 -18.53 20.16 55.07
N ALA B 55 -19.59 19.59 54.51
CA ALA B 55 -19.44 18.56 53.49
C ALA B 55 -18.92 19.19 52.19
N THR B 56 -17.91 18.56 51.61
CA THR B 56 -17.31 19.05 50.36
C THR B 56 -17.34 17.96 49.29
N PHE B 57 -17.02 18.35 48.06
CA PHE B 57 -17.05 17.43 46.93
C PHE B 57 -16.09 16.25 47.11
N GLN B 58 -15.03 16.44 47.89
CA GLN B 58 -14.07 15.38 48.14
C GLN B 58 -14.67 14.27 49.00
N ASN B 59 -15.74 14.59 49.72
CA ASN B 59 -16.43 13.59 50.54
C ASN B 59 -17.26 12.62 49.71
N THR B 60 -17.37 12.90 48.41
CA THR B 60 -18.14 12.04 47.51
C THR B 60 -17.51 10.65 47.35
N GLY B 61 -18.33 9.62 47.55
CA GLY B 61 -17.90 8.25 47.37
C GLY B 61 -18.70 7.27 48.21
N THR B 62 -18.35 5.98 48.12
CA THR B 62 -19.01 4.95 48.90
C THR B 62 -18.38 4.82 50.28
N TYR B 63 -19.23 4.83 51.30
CA TYR B 63 -18.77 4.63 52.67
C TYR B 63 -19.25 3.27 53.16
N ARG B 64 -18.30 2.41 53.47
CA ARG B 64 -18.60 1.03 53.80
C ARG B 64 -18.37 0.76 55.27
N CYS B 65 -19.30 0.05 55.90
CA CYS B 65 -19.16 -0.25 57.31
C CYS B 65 -19.05 -1.74 57.54
N THR B 66 -18.04 -2.13 58.30
CA THR B 66 -17.79 -3.54 58.57
C THR B 66 -17.53 -3.78 60.04
N GLU B 67 -17.80 -5.00 60.48
CA GLU B 67 -17.56 -5.43 61.84
C GLU B 67 -16.38 -6.38 61.85
N PRO B 68 -15.17 -5.87 62.14
CA PRO B 68 -13.92 -6.62 62.02
C PRO B 68 -13.83 -7.87 62.90
N GLY B 69 -14.69 -7.97 63.91
CA GLY B 69 -14.66 -9.10 64.81
C GLY B 69 -15.59 -10.22 64.37
N ASP B 70 -16.38 -9.94 63.36
CA ASP B 70 -17.21 -10.96 62.80
C ASP B 70 -16.64 -11.43 61.51
N PRO B 71 -16.40 -12.71 61.40
CA PRO B 71 -15.71 -13.23 60.24
C PRO B 71 -16.77 -13.72 59.28
N LEU B 72 -16.78 -13.16 58.09
CA LEU B 72 -17.75 -13.57 57.14
C LEU B 72 -19.07 -12.92 57.42
N GLY B 73 -19.09 -11.90 58.26
CA GLY B 73 -20.36 -11.24 58.54
C GLY B 73 -20.82 -10.29 57.46
N GLY B 74 -19.90 -9.84 56.62
CA GLY B 74 -20.25 -8.97 55.52
C GLY B 74 -20.14 -7.49 55.84
N SER B 75 -20.43 -6.65 54.87
CA SER B 75 -20.37 -5.21 55.05
C SER B 75 -21.70 -4.54 54.68
N ALA B 76 -21.85 -3.28 55.08
CA ALA B 76 -22.98 -2.47 54.67
C ALA B 76 -22.45 -1.17 54.06
N ALA B 77 -23.13 -0.69 53.03
CA ALA B 77 -22.61 0.45 52.28
C ALA B 77 -23.64 1.55 52.07
N ILE B 78 -23.15 2.76 51.87
CA ILE B 78 -23.97 3.91 51.51
C ILE B 78 -23.12 4.85 50.67
N HIS B 79 -23.72 5.48 49.67
CA HIS B 79 -22.97 6.37 48.78
C HIS B 79 -23.36 7.83 49.00
N LEU B 80 -22.35 8.69 49.12
CA LEU B 80 -22.59 10.11 49.34
C LEU B 80 -22.30 10.95 48.10
N TYR B 81 -23.29 11.75 47.70
CA TYR B 81 -23.10 12.75 46.65
C TYR B 81 -23.07 14.15 47.25
N VAL B 82 -22.01 14.90 46.97
CA VAL B 82 -21.97 16.30 47.35
C VAL B 82 -21.93 17.12 46.08
N LYS B 83 -23.11 17.56 45.63
CA LYS B 83 -23.22 18.18 44.32
C LYS B 83 -22.69 19.60 44.29
N ASP B 84 -21.37 19.71 44.24
CA ASP B 84 -20.70 20.99 44.04
C ASP B 84 -20.93 21.46 42.61
N PRO B 85 -21.61 22.60 42.45
CA PRO B 85 -21.88 23.17 41.12
C PRO B 85 -20.60 23.47 40.34
N ALA B 86 -19.49 23.63 41.06
CA ALA B 86 -18.20 23.92 40.44
C ALA B 86 -17.39 22.65 40.18
N ARG B 87 -17.54 21.67 41.06
CA ARG B 87 -16.71 20.47 41.02
C ARG B 87 -17.55 19.21 40.80
N PRO B 88 -17.68 18.79 39.53
CA PRO B 88 -18.48 17.61 39.20
C PRO B 88 -17.75 16.30 39.49
N TRP B 89 -16.43 16.36 39.69
CA TRP B 89 -15.64 15.15 39.82
C TRP B 89 -14.86 15.06 41.13
N ASN B 90 -14.94 13.90 41.77
CA ASN B 90 -14.05 13.56 42.87
C ASN B 90 -13.16 12.39 42.47
N VAL B 91 -11.97 12.69 41.96
CA VAL B 91 -11.03 11.66 41.53
C VAL B 91 -10.34 11.00 42.72
N LEU B 92 -10.46 9.67 42.83
CA LEU B 92 -9.82 8.94 43.92
C LEU B 92 -8.35 8.64 43.67
N ALA B 93 -7.98 8.45 42.40
CA ALA B 93 -6.62 8.08 42.07
C ALA B 93 -6.21 8.65 40.71
N GLN B 94 -5.00 9.20 40.65
CA GLN B 94 -4.47 9.75 39.41
C GLN B 94 -3.59 8.75 38.68
N GLU B 95 -3.52 7.53 39.21
CA GLU B 95 -2.75 6.47 38.58
C GLU B 95 -3.45 5.13 38.71
N VAL B 96 -3.54 4.41 37.58
CA VAL B 96 -4.18 3.10 37.54
C VAL B 96 -3.30 2.15 36.73
N VAL B 97 -3.06 0.96 37.26
CA VAL B 97 -2.27 -0.04 36.54
C VAL B 97 -3.03 -1.35 36.39
N VAL B 98 -3.05 -1.87 35.16
CA VAL B 98 -3.68 -3.15 34.86
C VAL B 98 -2.84 -3.91 33.84
N PHE B 99 -3.25 -5.14 33.56
CA PHE B 99 -2.64 -5.91 32.48
C PHE B 99 -3.57 -5.92 31.28
N GLU B 100 -3.03 -6.27 30.11
CA GLU B 100 -3.83 -6.31 28.88
C GLU B 100 -5.04 -7.22 29.03
N ASP B 101 -6.13 -6.83 28.37
CA ASP B 101 -7.38 -7.59 28.35
C ASP B 101 -8.04 -7.65 29.72
N GLN B 102 -7.65 -6.74 30.61
CA GLN B 102 -8.36 -6.55 31.86
C GLN B 102 -9.23 -5.30 31.78
N ASP B 103 -10.26 -5.22 32.61
CA ASP B 103 -11.00 -3.98 32.74
C ASP B 103 -10.17 -3.00 33.53
N ALA B 104 -10.24 -1.73 33.17
CA ALA B 104 -9.45 -0.70 33.83
C ALA B 104 -10.37 0.40 34.36
N LEU B 105 -10.57 0.42 35.66
CA LEU B 105 -11.44 1.42 36.28
C LEU B 105 -10.68 2.70 36.54
N LEU B 106 -11.15 3.79 35.94
CA LEU B 106 -10.62 5.11 36.21
C LEU B 106 -11.55 5.78 37.22
N PRO B 107 -11.10 5.85 38.48
CA PRO B 107 -11.95 6.19 39.62
C PRO B 107 -12.25 7.68 39.75
N CYS B 108 -12.95 8.24 38.77
CA CYS B 108 -13.46 9.61 38.89
C CYS B 108 -14.93 9.55 39.33
N LEU B 109 -15.18 9.95 40.57
CA LEU B 109 -16.52 9.87 41.13
C LEU B 109 -17.34 11.10 40.80
N LEU B 110 -18.48 10.88 40.15
CA LEU B 110 -19.38 11.96 39.80
C LEU B 110 -20.08 12.48 41.04
N THR B 111 -20.05 13.79 41.25
CA THR B 111 -20.54 14.37 42.50
C THR B 111 -22.04 14.65 42.44
N ASP B 112 -22.65 14.41 41.29
CA ASP B 112 -24.07 14.68 41.10
C ASP B 112 -24.64 13.73 40.05
N PRO B 113 -25.51 12.80 40.48
CA PRO B 113 -25.98 11.70 39.64
C PRO B 113 -26.80 12.16 38.41
N VAL B 114 -27.46 13.31 38.50
CA VAL B 114 -28.25 13.80 37.39
C VAL B 114 -27.37 14.19 36.20
N LEU B 115 -26.08 14.39 36.46
CA LEU B 115 -25.13 14.77 35.41
C LEU B 115 -24.77 13.61 34.48
N GLU B 116 -25.03 12.38 34.92
CA GLU B 116 -24.63 11.18 34.17
C GLU B 116 -25.06 11.27 32.70
N ALA B 117 -26.28 11.72 32.48
CA ALA B 117 -26.80 11.90 31.12
C ALA B 117 -26.04 13.04 30.44
N GLY B 118 -24.77 12.80 30.12
CA GLY B 118 -23.93 13.82 29.50
C GLY B 118 -22.51 13.81 30.04
N VAL B 119 -22.01 12.62 30.35
CA VAL B 119 -20.64 12.47 30.79
C VAL B 119 -19.87 11.68 29.73
N SER B 120 -18.56 11.90 29.67
CA SER B 120 -17.73 11.21 28.69
C SER B 120 -16.29 11.08 29.17
N LEU B 121 -15.55 10.16 28.57
CA LEU B 121 -14.14 9.98 28.88
C LEU B 121 -13.32 10.50 27.70
N VAL B 122 -12.33 11.34 28.01
CA VAL B 122 -11.52 11.96 26.98
C VAL B 122 -10.03 11.88 27.37
N ARG B 123 -9.14 12.37 26.51
CA ARG B 123 -7.72 12.42 26.84
C ARG B 123 -7.28 13.86 27.07
N VAL B 124 -6.12 14.02 27.71
CA VAL B 124 -5.61 15.35 28.03
C VAL B 124 -5.30 16.16 26.77
N ARG B 125 -5.22 17.47 26.93
CA ARG B 125 -4.95 18.42 25.84
C ARG B 125 -6.03 18.41 24.76
N GLY B 126 -7.17 17.83 25.08
CA GLY B 126 -8.31 17.76 24.19
C GLY B 126 -8.38 16.57 23.27
N ARG B 127 -7.39 15.70 23.35
CA ARG B 127 -7.27 14.54 22.47
C ARG B 127 -8.48 13.62 22.64
N PRO B 128 -8.97 13.06 21.52
CA PRO B 128 -10.06 12.08 21.65
C PRO B 128 -9.52 10.72 22.07
N LEU B 129 -10.41 9.80 22.42
CA LEU B 129 -10.01 8.46 22.83
C LEU B 129 -9.32 7.72 21.70
N MET B 130 -8.62 6.65 22.03
CA MET B 130 -7.96 5.84 21.02
C MET B 130 -9.05 5.14 20.26
N ARG B 131 -8.74 4.66 19.07
CA ARG B 131 -9.73 3.99 18.24
C ARG B 131 -10.16 2.66 18.84
N HIS B 132 -11.45 2.36 18.75
CA HIS B 132 -12.05 1.14 19.30
C HIS B 132 -11.82 1.01 20.81
N THR B 133 -12.01 2.11 21.53
CA THR B 133 -11.97 2.07 22.99
C THR B 133 -13.34 1.69 23.54
N ASN B 134 -13.46 0.45 24.00
CA ASN B 134 -14.69 -0.05 24.59
C ASN B 134 -14.78 0.38 26.05
N TYR B 135 -15.75 1.20 26.41
CA TYR B 135 -15.85 1.68 27.78
C TYR B 135 -17.29 2.02 28.20
N SER B 136 -17.50 2.02 29.52
CA SER B 136 -18.81 2.33 30.10
C SER B 136 -18.64 3.13 31.38
N PHE B 137 -19.75 3.63 31.93
CA PHE B 137 -19.68 4.50 33.09
C PHE B 137 -20.63 4.07 34.20
N SER B 138 -20.14 4.14 35.44
CA SER B 138 -20.97 3.95 36.62
C SER B 138 -20.72 5.11 37.58
N PRO B 139 -21.80 5.78 38.03
CA PRO B 139 -21.71 6.99 38.84
C PRO B 139 -20.93 6.78 40.13
N TRP B 140 -21.12 5.62 40.74
CA TRP B 140 -20.49 5.29 42.02
C TRP B 140 -19.01 4.94 41.90
N HIS B 141 -18.56 4.62 40.69
CA HIS B 141 -17.24 4.04 40.50
C HIS B 141 -16.37 4.80 39.51
N GLY B 142 -16.94 5.15 38.36
CA GLY B 142 -16.21 5.87 37.34
C GLY B 142 -16.23 5.14 36.01
N PHE B 143 -15.37 5.56 35.09
CA PHE B 143 -15.29 4.95 33.77
C PHE B 143 -14.44 3.68 33.79
N THR B 144 -14.99 2.62 33.21
CA THR B 144 -14.25 1.37 33.06
C THR B 144 -13.96 1.10 31.59
N ILE B 145 -12.68 1.08 31.24
CA ILE B 145 -12.27 0.70 29.89
C ILE B 145 -12.18 -0.83 29.81
N HIS B 146 -13.00 -1.42 28.96
CA HIS B 146 -13.11 -2.88 28.90
C HIS B 146 -12.06 -3.50 27.97
N ARG B 147 -11.43 -4.57 28.46
CA ARG B 147 -10.37 -5.27 27.74
C ARG B 147 -9.29 -4.29 27.31
N ALA B 148 -8.62 -3.70 28.29
CA ALA B 148 -7.60 -2.68 28.05
C ALA B 148 -6.44 -3.21 27.22
N LYS B 149 -5.88 -2.32 26.40
CA LYS B 149 -4.75 -2.67 25.54
C LYS B 149 -3.56 -1.76 25.84
N PHE B 150 -2.36 -2.25 25.57
CA PHE B 150 -1.12 -1.50 25.76
C PHE B 150 -1.19 -0.13 25.11
N ILE B 151 -1.77 -0.08 23.92
CA ILE B 151 -1.90 1.16 23.15
C ILE B 151 -2.69 2.23 23.92
N GLN B 152 -3.54 1.79 24.86
CA GLN B 152 -4.38 2.71 25.62
C GLN B 152 -3.71 3.27 26.87
N SER B 153 -2.40 3.06 27.00
CA SER B 153 -1.65 3.64 28.12
C SER B 153 -1.52 5.14 27.93
N GLN B 154 -2.48 5.89 28.45
CA GLN B 154 -2.58 7.33 28.20
C GLN B 154 -2.98 8.10 29.47
N ASP B 155 -2.91 9.42 29.39
CA ASP B 155 -3.43 10.28 30.44
C ASP B 155 -4.85 10.70 30.11
N TYR B 156 -5.80 10.30 30.95
CA TYR B 156 -7.21 10.50 30.65
C TYR B 156 -7.83 11.62 31.49
N GLN B 157 -9.02 12.04 31.10
CA GLN B 157 -9.79 13.03 31.85
C GLN B 157 -11.28 12.72 31.78
N CYS B 158 -11.98 12.98 32.88
CA CYS B 158 -13.42 12.77 32.93
C CYS B 158 -14.15 14.06 32.59
N SER B 159 -15.00 13.98 31.57
CA SER B 159 -15.74 15.15 31.11
C SER B 159 -17.16 15.18 31.67
N ALA B 160 -17.54 16.31 32.23
CA ALA B 160 -18.90 16.50 32.71
C ALA B 160 -19.55 17.71 32.04
N LEU B 161 -20.77 17.53 31.55
CA LEU B 161 -21.46 18.58 30.83
C LEU B 161 -22.31 19.42 31.77
N MET B 162 -21.83 20.64 32.05
CA MET B 162 -22.53 21.55 32.95
C MET B 162 -22.68 22.94 32.34
N GLY B 163 -23.93 23.32 32.07
CA GLY B 163 -24.23 24.61 31.47
C GLY B 163 -23.53 24.83 30.14
N GLY B 164 -23.59 23.82 29.27
CA GLY B 164 -23.01 23.92 27.95
C GLY B 164 -21.53 23.55 27.91
N ARG B 165 -20.77 24.12 28.83
CA ARG B 165 -19.33 23.89 28.88
C ARG B 165 -18.99 22.51 29.43
N LYS B 166 -18.02 21.86 28.81
CA LYS B 166 -17.51 20.59 29.32
C LYS B 166 -16.46 20.84 30.40
N VAL B 167 -16.69 20.29 31.59
CA VAL B 167 -15.80 20.53 32.72
C VAL B 167 -14.95 19.29 33.00
N MET B 168 -13.65 19.48 33.08
CA MET B 168 -12.71 18.37 33.16
C MET B 168 -12.34 18.03 34.59
N SER B 169 -12.13 16.73 34.84
CA SER B 169 -11.54 16.27 36.07
C SER B 169 -10.03 16.43 35.96
N ILE B 170 -9.32 16.23 37.06
CA ILE B 170 -7.87 16.18 37.00
C ILE B 170 -7.46 14.92 36.22
N SER B 171 -6.27 14.94 35.64
CA SER B 171 -5.84 13.84 34.77
C SER B 171 -5.67 12.54 35.53
N ILE B 172 -5.89 11.43 34.83
CA ILE B 172 -5.69 10.09 35.39
C ILE B 172 -4.83 9.25 34.45
N ARG B 173 -3.62 8.91 34.90
CA ARG B 173 -2.70 8.10 34.09
C ARG B 173 -3.03 6.61 34.17
N LEU B 174 -3.25 6.00 33.01
CA LEU B 174 -3.50 4.57 32.94
C LEU B 174 -2.28 3.83 32.40
N LYS B 175 -1.84 2.82 33.13
CA LYS B 175 -0.76 1.95 32.69
C LYS B 175 -1.33 0.58 32.34
N VAL B 176 -1.21 0.20 31.07
CA VAL B 176 -1.58 -1.16 30.68
C VAL B 176 -0.30 -1.93 30.39
N GLN B 177 -0.16 -3.09 31.04
CA GLN B 177 1.05 -3.87 30.94
C GLN B 177 0.83 -5.14 30.13
N LYS B 178 1.80 -5.49 29.29
CA LYS B 178 1.72 -6.71 28.52
C LYS B 178 1.86 -7.90 29.46
N VAL B 179 1.01 -8.90 29.26
CA VAL B 179 1.07 -10.13 30.06
C VAL B 179 2.19 -11.04 29.55
N ILE B 180 3.32 -11.02 30.23
CA ILE B 180 4.45 -11.86 29.86
C ILE B 180 4.29 -13.23 30.52
N PRO B 181 3.89 -14.24 29.73
CA PRO B 181 3.49 -15.56 30.24
C PRO B 181 4.59 -16.24 31.05
N GLY B 182 5.76 -16.38 30.45
CA GLY B 182 6.89 -16.99 31.12
C GLY B 182 8.20 -16.58 30.46
N PRO B 183 9.24 -17.39 30.66
CA PRO B 183 10.56 -17.20 30.07
C PRO B 183 10.50 -17.17 28.54
N PRO B 184 11.52 -16.57 27.89
CA PRO B 184 11.57 -16.47 26.43
C PRO B 184 11.46 -17.83 25.72
N ALA B 185 10.68 -17.89 24.65
CA ALA B 185 10.49 -19.12 23.89
C ALA B 185 11.72 -19.47 23.07
N LEU B 186 12.28 -20.65 23.33
CA LEU B 186 13.52 -21.07 22.68
C LEU B 186 13.29 -21.92 21.43
N THR B 187 14.21 -21.81 20.49
CA THR B 187 14.25 -22.67 19.30
C THR B 187 15.69 -23.01 18.96
N LEU B 188 16.16 -24.16 19.45
CA LEU B 188 17.52 -24.61 19.15
C LEU B 188 17.54 -25.70 18.10
N VAL B 189 18.18 -25.42 16.97
CA VAL B 189 18.25 -26.37 15.85
C VAL B 189 19.67 -26.43 15.27
N PRO B 190 20.09 -27.62 14.80
CA PRO B 190 19.33 -28.88 14.75
C PRO B 190 19.33 -29.62 16.08
N ALA B 191 18.29 -30.43 16.30
CA ALA B 191 18.18 -31.20 17.53
C ALA B 191 19.27 -32.25 17.63
N GLU B 192 19.61 -32.84 16.49
CA GLU B 192 20.72 -33.79 16.40
C GLU B 192 21.71 -33.34 15.35
N LEU B 193 22.99 -33.61 15.57
CA LEU B 193 24.03 -33.26 14.61
C LEU B 193 25.26 -34.15 14.73
N VAL B 194 25.80 -34.55 13.58
CA VAL B 194 27.02 -35.33 13.55
C VAL B 194 27.81 -35.04 12.27
N ARG B 195 29.06 -34.64 12.43
CA ARG B 195 29.91 -34.28 11.30
C ARG B 195 31.26 -34.97 11.36
N ILE B 196 31.97 -34.98 10.24
CA ILE B 196 33.34 -35.47 10.19
C ILE B 196 34.27 -34.31 10.50
N ARG B 197 35.36 -34.59 11.22
CA ARG B 197 36.32 -33.55 11.58
C ARG B 197 36.91 -32.93 10.32
N GLY B 198 36.75 -31.61 10.19
CA GLY B 198 37.19 -30.91 9.01
C GLY B 198 36.02 -30.32 8.24
N GLU B 199 34.85 -30.91 8.40
CA GLU B 199 33.65 -30.41 7.74
C GLU B 199 33.13 -29.14 8.43
N ALA B 200 31.88 -28.79 8.13
CA ALA B 200 31.28 -27.59 8.69
C ALA B 200 30.02 -27.92 9.48
N ALA B 201 29.63 -27.00 10.37
CA ALA B 201 28.42 -27.16 11.15
C ALA B 201 27.90 -25.81 11.61
N GLN B 202 26.60 -25.75 11.93
CA GLN B 202 26.00 -24.51 12.40
C GLN B 202 24.97 -24.77 13.51
N ILE B 203 25.06 -24.00 14.58
CA ILE B 203 24.11 -24.08 15.68
C ILE B 203 23.56 -22.70 16.00
N VAL B 204 22.25 -22.54 15.89
CA VAL B 204 21.62 -21.26 16.14
C VAL B 204 20.72 -21.29 17.38
N CYS B 205 21.12 -20.54 18.40
CA CYS B 205 20.33 -20.37 19.61
C CYS B 205 19.44 -19.14 19.47
N SER B 206 18.14 -19.30 19.68
CA SER B 206 17.19 -18.21 19.51
C SER B 206 16.17 -18.13 20.65
N ALA B 207 15.75 -16.91 20.95
CA ALA B 207 14.73 -16.68 21.96
C ALA B 207 13.85 -15.49 21.56
N SER B 208 12.57 -15.55 21.92
CA SER B 208 11.63 -14.50 21.54
C SER B 208 10.57 -14.24 22.62
N SER B 209 10.38 -12.97 22.95
CA SER B 209 9.34 -12.56 23.88
C SER B 209 8.71 -11.26 23.42
N VAL B 210 7.49 -10.99 23.89
CA VAL B 210 6.79 -9.76 23.54
C VAL B 210 7.55 -8.53 24.05
N ASP B 211 8.30 -8.72 25.12
CA ASP B 211 9.11 -7.64 25.69
C ASP B 211 10.55 -7.79 25.24
N VAL B 212 11.27 -6.68 25.23
CA VAL B 212 12.68 -6.65 24.82
C VAL B 212 13.59 -7.10 25.97
N ASN B 213 13.13 -6.88 27.20
CA ASN B 213 13.96 -7.15 28.38
C ASN B 213 14.13 -8.65 28.65
N PHE B 214 15.01 -9.30 27.90
CA PHE B 214 15.33 -10.70 28.15
C PHE B 214 16.71 -11.07 27.60
N ASP B 215 17.41 -11.93 28.32
CA ASP B 215 18.74 -12.40 27.92
C ASP B 215 18.66 -13.75 27.23
N VAL B 216 19.68 -14.06 26.41
CA VAL B 216 19.85 -15.40 25.86
C VAL B 216 21.32 -15.69 25.56
N PHE B 217 21.79 -16.86 25.98
CA PHE B 217 23.17 -17.26 25.70
C PHE B 217 23.24 -18.75 25.40
N LEU B 218 24.15 -19.11 24.50
CA LEU B 218 24.38 -20.50 24.12
C LEU B 218 25.68 -21.02 24.73
N GLN B 219 25.60 -22.15 25.43
CA GLN B 219 26.77 -22.70 26.11
C GLN B 219 27.17 -24.10 25.66
N HIS B 220 28.46 -24.29 25.44
CA HIS B 220 29.01 -25.62 25.21
C HIS B 220 29.29 -26.26 26.57
N GLN B 221 28.57 -27.34 26.86
CA GLN B 221 28.54 -27.94 28.20
C GLN B 221 27.99 -26.94 29.21
N ASN B 222 28.84 -26.48 30.12
CA ASN B 222 28.45 -25.44 31.07
C ASN B 222 29.35 -24.22 30.98
N THR B 223 30.18 -24.18 29.95
CA THR B 223 31.03 -23.03 29.67
C THR B 223 30.44 -22.23 28.51
N LYS B 224 29.81 -21.12 28.81
CA LYS B 224 29.11 -20.34 27.80
C LYS B 224 30.05 -19.77 26.74
N LEU B 225 29.58 -19.75 25.50
CA LEU B 225 30.35 -19.27 24.35
C LEU B 225 30.07 -17.80 24.09
N ALA B 226 31.08 -17.10 23.58
CA ALA B 226 30.95 -15.67 23.27
C ALA B 226 30.53 -15.46 21.82
N ILE B 227 29.22 -15.52 21.57
CA ILE B 227 28.66 -15.32 20.24
C ILE B 227 27.87 -14.01 20.16
N PRO B 228 28.24 -13.14 19.21
CA PRO B 228 27.49 -11.90 19.02
C PRO B 228 26.08 -12.18 18.52
N GLN B 229 25.08 -11.67 19.23
CA GLN B 229 23.68 -11.95 18.90
C GLN B 229 23.05 -10.87 18.04
N GLN B 230 22.38 -11.28 16.97
CA GLN B 230 21.61 -10.37 16.13
C GLN B 230 20.25 -10.15 16.76
N SER B 231 19.82 -8.89 16.84
CA SER B 231 18.57 -8.55 17.50
C SER B 231 17.64 -7.79 16.55
N ASP B 232 16.42 -8.28 16.43
CA ASP B 232 15.45 -7.70 15.52
C ASP B 232 14.04 -7.81 16.07
N PHE B 233 13.16 -6.93 15.60
CA PHE B 233 11.75 -6.96 15.99
C PHE B 233 10.93 -7.43 14.79
N HIS B 234 10.25 -8.56 14.96
CA HIS B 234 9.41 -9.08 13.88
C HIS B 234 8.21 -9.84 14.42
N ASN B 235 7.14 -9.84 13.63
CA ASN B 235 5.85 -10.42 14.01
C ASN B 235 5.41 -9.97 15.40
N ASN B 236 5.58 -8.68 15.68
CA ASN B 236 5.21 -8.07 16.95
C ASN B 236 5.91 -8.71 18.15
N ARG B 237 7.07 -9.29 17.91
CA ARG B 237 7.85 -9.92 18.96
C ARG B 237 9.33 -9.56 18.83
N TYR B 238 10.01 -9.43 19.97
CA TYR B 238 11.44 -9.17 19.95
C TYR B 238 12.21 -10.49 19.86
N GLN B 239 13.17 -10.55 18.92
CA GLN B 239 14.01 -11.73 18.77
C GLN B 239 15.48 -11.42 19.07
N LYS B 240 16.17 -12.40 19.64
CA LYS B 240 17.60 -12.31 19.89
C LYS B 240 18.25 -13.66 19.58
N VAL B 241 19.02 -13.69 18.50
CA VAL B 241 19.52 -14.95 17.95
C VAL B 241 21.03 -15.07 18.00
N LEU B 242 21.51 -16.13 18.64
CA LEU B 242 22.93 -16.44 18.68
C LEU B 242 23.29 -17.47 17.61
N THR B 243 24.12 -17.07 16.66
CA THR B 243 24.49 -17.94 15.55
C THR B 243 25.93 -18.39 15.63
N LEU B 244 26.13 -19.69 15.86
CA LEU B 244 27.47 -20.26 15.95
C LEU B 244 27.90 -20.89 14.63
N ASN B 245 28.97 -20.37 14.05
CA ASN B 245 29.51 -20.91 12.82
C ASN B 245 30.91 -21.48 13.00
N LEU B 246 31.03 -22.80 12.81
CA LEU B 246 32.33 -23.44 12.86
C LEU B 246 32.69 -23.94 11.47
N ASP B 247 33.52 -23.17 10.77
CA ASP B 247 33.91 -23.51 9.41
C ASP B 247 34.87 -24.69 9.39
N GLN B 248 35.55 -24.90 10.51
CA GLN B 248 36.57 -25.94 10.62
C GLN B 248 36.45 -26.71 11.93
N VAL B 249 35.48 -27.61 12.00
CA VAL B 249 35.22 -28.34 13.24
C VAL B 249 36.33 -29.32 13.59
N ASP B 250 36.24 -29.87 14.79
CA ASP B 250 37.23 -30.81 15.29
C ASP B 250 36.62 -31.55 16.49
N PHE B 251 37.40 -32.41 17.13
CA PHE B 251 36.88 -33.28 18.18
C PHE B 251 36.54 -32.53 19.47
N GLN B 252 37.20 -31.41 19.74
CA GLN B 252 36.94 -30.65 20.97
C GLN B 252 35.71 -29.76 20.85
N HIS B 253 35.12 -29.70 19.65
CA HIS B 253 33.93 -28.91 19.42
C HIS B 253 32.67 -29.70 19.74
N ALA B 254 32.80 -31.02 19.77
CA ALA B 254 31.69 -31.91 20.09
C ALA B 254 31.24 -31.69 21.53
N GLY B 255 29.99 -32.00 21.84
CA GLY B 255 29.53 -31.89 23.21
C GLY B 255 28.08 -31.49 23.44
N ASN B 256 27.84 -30.97 24.65
CA ASN B 256 26.50 -30.69 25.18
C ASN B 256 26.07 -29.24 25.03
N TYR B 257 25.64 -28.85 23.84
CA TYR B 257 25.26 -27.46 23.60
C TYR B 257 23.88 -27.13 24.16
N SER B 258 23.85 -26.32 25.22
CA SER B 258 22.60 -25.89 25.82
C SER B 258 22.23 -24.46 25.44
N CYS B 259 21.01 -24.28 24.96
CA CYS B 259 20.49 -22.94 24.64
C CYS B 259 19.57 -22.48 25.76
N VAL B 260 20.00 -21.44 26.48
CA VAL B 260 19.29 -20.99 27.67
C VAL B 260 19.00 -19.49 27.66
N ALA B 261 17.75 -19.12 27.97
CA ALA B 261 17.32 -17.72 27.94
C ALA B 261 16.56 -17.33 29.21
N SER B 262 16.74 -16.08 29.64
CA SER B 262 16.15 -15.61 30.90
C SER B 262 15.41 -14.28 30.80
N ASN B 263 14.56 -14.02 31.79
CA ASN B 263 13.88 -12.74 31.94
C ASN B 263 13.46 -12.53 33.40
N VAL B 264 12.64 -11.53 33.67
CA VAL B 264 12.17 -11.28 35.03
C VAL B 264 11.30 -12.44 35.54
N GLN B 265 10.71 -13.18 34.60
CA GLN B 265 9.91 -14.35 34.95
C GLN B 265 10.81 -15.48 35.46
N GLY B 266 11.80 -15.85 34.65
CA GLY B 266 12.72 -16.92 35.02
C GLY B 266 13.64 -17.31 33.88
N LYS B 267 14.20 -18.49 33.94
CA LYS B 267 15.10 -18.92 32.90
C LYS B 267 14.63 -20.19 32.24
N HIS B 268 14.80 -20.27 30.93
CA HIS B 268 14.34 -21.41 30.14
C HIS B 268 15.56 -22.01 29.46
N SER B 269 15.55 -23.32 29.23
CA SER B 269 16.71 -23.98 28.65
C SER B 269 16.34 -25.15 27.74
N THR B 270 17.05 -25.25 26.61
CA THR B 270 16.94 -26.37 25.69
C THR B 270 18.33 -26.75 25.18
N SER B 271 18.50 -27.98 24.70
CA SER B 271 19.84 -28.44 24.35
C SER B 271 19.87 -29.49 23.23
N MET B 272 21.08 -29.71 22.70
CA MET B 272 21.31 -30.70 21.65
C MET B 272 22.68 -31.35 21.83
N PHE B 273 22.97 -32.37 21.04
CA PHE B 273 24.26 -33.05 21.09
C PHE B 273 25.01 -32.97 19.76
N PHE B 274 26.31 -32.79 19.84
CA PHE B 274 27.16 -32.66 18.65
C PHE B 274 28.24 -33.74 18.67
N ARG B 275 28.29 -34.56 17.62
CA ARG B 275 29.27 -35.63 17.55
C ARG B 275 30.31 -35.36 16.45
N VAL B 276 31.53 -35.82 16.69
CA VAL B 276 32.61 -35.70 15.70
C VAL B 276 33.18 -37.07 15.37
N VAL B 277 33.09 -37.46 14.10
CA VAL B 277 33.56 -38.76 13.66
C VAL B 277 34.94 -38.66 13.00
N GLU C 23 13.21 2.73 35.01
CA GLU C 23 14.49 3.44 34.91
C GLU C 23 15.06 3.21 33.53
N VAL C 24 15.60 4.24 32.92
CA VAL C 24 15.99 4.11 31.54
C VAL C 24 16.84 2.88 31.50
N SER C 25 16.46 1.91 30.68
CA SER C 25 17.11 0.61 30.61
C SER C 25 18.35 0.61 29.77
N GLU C 26 19.05 -0.52 29.81
CA GLU C 26 20.08 -0.76 28.81
C GLU C 26 19.46 -1.30 27.53
N TYR C 27 18.17 -1.61 27.60
CA TYR C 27 17.42 -2.07 26.43
C TYR C 27 16.71 -0.91 25.74
N CYS C 28 17.26 0.29 25.89
CA CYS C 28 16.77 1.43 25.13
C CYS C 28 17.21 1.25 23.69
N SER C 29 18.39 0.67 23.51
CA SER C 29 18.78 0.12 22.22
C SER C 29 18.02 -1.19 22.05
N HIS C 30 18.18 -1.83 20.89
CA HIS C 30 17.47 -3.09 20.58
C HIS C 30 15.94 -2.90 20.54
N MET C 31 15.46 -1.71 20.87
CA MET C 31 14.03 -1.47 20.99
C MET C 31 13.43 -1.04 19.66
N ILE C 32 14.10 -0.13 18.98
CA ILE C 32 13.73 0.25 17.62
C ILE C 32 14.40 -0.71 16.65
N GLY C 33 13.71 -1.79 16.31
CA GLY C 33 14.26 -2.79 15.41
C GLY C 33 14.24 -2.38 13.95
N SER C 34 14.99 -3.11 13.13
CA SER C 34 15.01 -2.88 11.71
C SER C 34 13.65 -3.19 11.09
N GLY C 35 12.95 -4.13 11.71
CA GLY C 35 11.60 -4.50 11.29
C GLY C 35 10.68 -3.30 11.35
N HIS C 36 10.88 -2.46 12.37
CA HIS C 36 10.14 -1.21 12.51
C HIS C 36 10.40 -0.30 11.32
N LEU C 37 11.66 -0.15 10.97
CA LEU C 37 12.07 0.72 9.87
C LEU C 37 11.60 0.19 8.51
N GLN C 38 11.58 -1.13 8.37
CA GLN C 38 11.07 -1.76 7.15
C GLN C 38 9.59 -1.48 6.97
N SER C 39 8.84 -1.60 8.07
CA SER C 39 7.40 -1.34 8.06
C SER C 39 7.11 0.09 7.63
N LEU C 40 7.90 1.02 8.15
CA LEU C 40 7.80 2.42 7.73
C LEU C 40 8.11 2.57 6.25
N GLN C 41 9.18 1.93 5.81
CA GLN C 41 9.59 2.03 4.41
C GLN C 41 8.52 1.48 3.47
N ARG C 42 7.96 0.32 3.82
CA ARG C 42 6.89 -0.29 3.04
C ARG C 42 5.67 0.64 2.99
N LEU C 43 5.41 1.30 4.12
CA LEU C 43 4.30 2.24 4.22
C LEU C 43 4.53 3.44 3.30
N ILE C 44 5.76 3.93 3.28
CA ILE C 44 6.13 5.04 2.41
C ILE C 44 6.04 4.62 0.94
N ASP C 45 6.58 3.44 0.63
CA ASP C 45 6.60 2.92 -0.73
C ASP C 45 5.20 2.63 -1.26
N SER C 46 4.23 2.45 -0.36
CA SER C 46 2.88 2.11 -0.76
C SER C 46 2.08 3.36 -1.13
N GLN C 47 2.56 4.52 -0.69
CA GLN C 47 1.82 5.76 -0.87
C GLN C 47 1.91 6.32 -2.29
N MET C 48 0.78 6.80 -2.78
CA MET C 48 0.70 7.40 -4.11
C MET C 48 1.43 8.74 -4.13
N GLU C 49 2.26 8.93 -5.15
CA GLU C 49 3.02 10.17 -5.28
C GLU C 49 2.13 11.29 -5.82
N THR C 50 1.71 12.18 -4.92
CA THR C 50 0.83 13.28 -5.30
C THR C 50 1.33 14.62 -4.77
N SER C 51 0.97 15.69 -5.46
CA SER C 51 1.46 17.02 -5.14
C SER C 51 0.73 17.69 -3.98
N CYS C 52 -0.31 17.03 -3.48
CA CYS C 52 -1.14 17.60 -2.41
C CYS C 52 -0.33 17.83 -1.15
N GLN C 53 -0.60 18.95 -0.47
CA GLN C 53 0.09 19.27 0.77
C GLN C 53 -0.86 19.18 1.97
N ILE C 54 -0.33 18.74 3.10
CA ILE C 54 -1.09 18.67 4.34
C ILE C 54 -0.38 19.49 5.43
N THR C 55 -1.17 20.14 6.27
CA THR C 55 -0.63 20.95 7.36
C THR C 55 -0.47 20.12 8.63
N PHE C 56 0.67 20.30 9.31
CA PHE C 56 0.94 19.60 10.55
C PHE C 56 1.97 20.34 11.41
N GLU C 57 1.95 20.10 12.70
CA GLU C 57 2.90 20.72 13.63
C GLU C 57 4.14 19.84 13.79
N PHE C 58 5.32 20.45 13.67
CA PHE C 58 6.57 19.70 13.84
C PHE C 58 7.72 20.60 14.30
N VAL C 59 8.74 19.98 14.89
CA VAL C 59 9.89 20.69 15.43
C VAL C 59 10.69 21.43 14.35
N ASP C 60 11.08 22.67 14.67
CA ASP C 60 11.85 23.50 13.75
C ASP C 60 13.36 23.27 13.89
N GLN C 61 14.00 22.89 12.78
CA GLN C 61 15.44 22.66 12.77
C GLN C 61 16.24 23.92 13.03
N GLU C 62 15.68 25.07 12.70
CA GLU C 62 16.36 26.35 12.91
C GLU C 62 16.57 26.63 14.39
N GLN C 63 15.50 26.54 15.16
CA GLN C 63 15.57 26.77 16.61
C GLN C 63 16.27 25.64 17.35
N LEU C 64 16.24 24.45 16.77
CA LEU C 64 16.89 23.30 17.39
C LEU C 64 17.89 22.64 16.44
N LYS C 65 19.10 23.18 16.39
CA LYS C 65 20.19 22.59 15.61
C LYS C 65 20.79 21.40 16.34
N ASP C 66 20.68 21.42 17.67
CA ASP C 66 21.18 20.35 18.53
C ASP C 66 20.50 19.03 18.17
N PRO C 67 21.28 18.05 17.69
CA PRO C 67 20.75 16.75 17.26
C PRO C 67 20.01 15.99 18.36
N VAL C 68 20.54 16.00 19.58
CA VAL C 68 19.94 15.26 20.68
C VAL C 68 18.63 15.90 21.17
N CYS C 69 18.58 17.22 21.18
CA CYS C 69 17.39 17.93 21.66
C CYS C 69 16.34 18.09 20.56
N TYR C 70 16.77 18.00 19.31
CA TYR C 70 15.84 18.00 18.19
C TYR C 70 14.97 16.76 18.22
N LEU C 71 15.62 15.59 18.31
CA LEU C 71 14.93 14.30 18.33
C LEU C 71 14.00 14.19 19.53
N LYS C 72 14.45 14.69 20.68
CA LYS C 72 13.66 14.69 21.91
C LYS C 72 12.31 15.38 21.71
N LYS C 73 12.34 16.57 21.11
CA LYS C 73 11.13 17.33 20.86
C LYS C 73 10.31 16.69 19.74
N ALA C 74 11.01 16.07 18.80
CA ALA C 74 10.37 15.42 17.66
C ALA C 74 9.60 14.18 18.10
N PHE C 75 10.22 13.36 18.93
CA PHE C 75 9.61 12.13 19.42
C PHE C 75 8.26 12.38 20.11
N LEU C 76 8.18 13.48 20.84
CA LEU C 76 6.93 13.87 21.50
C LEU C 76 5.86 14.20 20.46
N LEU C 77 6.26 14.87 19.39
CA LEU C 77 5.33 15.35 18.37
C LEU C 77 4.83 14.27 17.41
N VAL C 78 5.66 13.25 17.14
CA VAL C 78 5.27 12.19 16.22
C VAL C 78 4.06 11.43 16.75
N GLN C 79 3.87 11.44 18.07
CA GLN C 79 2.73 10.77 18.70
C GLN C 79 1.42 11.30 18.17
N ASP C 80 1.29 12.62 18.12
CA ASP C 80 0.06 13.26 17.63
C ASP C 80 -0.07 13.10 16.12
N ILE C 81 1.06 13.09 15.42
CA ILE C 81 1.07 12.92 13.97
C ILE C 81 0.48 11.57 13.57
N MET C 82 0.91 10.51 14.25
CA MET C 82 0.47 9.16 13.93
C MET C 82 -1.01 8.96 14.25
N GLU C 83 -1.51 9.69 15.24
CA GLU C 83 -2.92 9.62 15.61
C GLU C 83 -3.79 10.44 14.66
N ASP C 84 -3.36 11.68 14.40
CA ASP C 84 -4.15 12.62 13.61
C ASP C 84 -4.04 12.41 12.10
N THR C 85 -2.81 12.26 11.62
CA THR C 85 -2.57 12.24 10.18
C THR C 85 -2.46 10.84 9.58
N MET C 86 -1.66 9.99 10.19
CA MET C 86 -1.32 8.70 9.61
C MET C 86 -2.39 7.65 9.88
N ARG C 87 -3.60 7.92 9.42
CA ARG C 87 -4.72 7.01 9.62
C ARG C 87 -4.87 6.08 8.41
N PHE C 88 -5.07 4.80 8.68
CA PHE C 88 -5.27 3.81 7.63
C PHE C 88 -6.50 2.96 7.92
N ARG C 89 -7.01 2.30 6.89
CA ARG C 89 -8.15 1.40 7.04
C ARG C 89 -7.82 0.30 8.04
N ASP C 90 -8.81 -0.07 8.86
CA ASP C 90 -8.64 -1.10 9.89
C ASP C 90 -8.11 -2.41 9.31
N ASN C 91 -7.20 -3.03 10.05
CA ASN C 91 -6.66 -4.36 9.73
C ASN C 91 -5.88 -4.41 8.42
N THR C 92 -5.48 -3.25 7.92
CA THR C 92 -4.58 -3.18 6.77
C THR C 92 -3.15 -3.23 7.25
N PRO C 93 -2.23 -3.75 6.42
CA PRO C 93 -0.81 -3.85 6.78
C PRO C 93 -0.22 -2.53 7.32
N ASN C 94 -0.56 -1.42 6.69
CA ASN C 94 -0.08 -0.11 7.15
C ASN C 94 -0.66 0.26 8.51
N ALA C 95 -1.95 0.00 8.70
CA ALA C 95 -2.61 0.26 9.97
C ALA C 95 -1.92 -0.48 11.13
N ILE C 96 -1.63 -1.76 10.90
CA ILE C 96 -0.91 -2.57 11.88
C ILE C 96 0.47 -1.98 12.15
N ALA C 97 1.14 -1.51 11.09
CA ALA C 97 2.45 -0.91 11.21
C ALA C 97 2.42 0.33 12.11
N ILE C 98 1.42 1.18 11.92
CA ILE C 98 1.26 2.38 12.72
C ILE C 98 1.08 2.04 14.20
N VAL C 99 0.21 1.07 14.48
CA VAL C 99 -0.01 0.60 15.84
C VAL C 99 1.29 0.19 16.52
N GLN C 100 2.09 -0.60 15.81
CA GLN C 100 3.39 -1.06 16.33
C GLN C 100 4.32 0.10 16.61
N LEU C 101 4.36 1.07 15.69
CA LEU C 101 5.16 2.27 15.87
C LEU C 101 4.68 3.07 17.08
N GLN C 102 3.37 3.02 17.32
CA GLN C 102 2.80 3.71 18.48
C GLN C 102 3.14 2.97 19.78
N GLU C 103 3.06 1.64 19.76
CA GLU C 103 3.48 0.84 20.90
C GLU C 103 4.96 1.02 21.16
N LEU C 104 5.73 1.08 20.07
CA LEU C 104 7.16 1.35 20.15
C LEU C 104 7.44 2.65 20.89
N SER C 105 6.65 3.67 20.59
CA SER C 105 6.83 4.99 21.18
C SER C 105 6.50 5.02 22.67
N LEU C 106 5.54 4.20 23.09
CA LEU C 106 5.23 4.06 24.50
C LEU C 106 6.41 3.48 25.27
N ARG C 107 7.04 2.47 24.68
CA ARG C 107 8.23 1.86 25.27
C ARG C 107 9.38 2.85 25.31
N LEU C 108 9.45 3.69 24.28
CA LEU C 108 10.50 4.70 24.16
C LEU C 108 10.35 5.86 25.14
N LYS C 109 9.17 6.00 25.74
CA LYS C 109 8.96 7.03 26.76
C LYS C 109 9.93 6.91 27.92
N SER C 110 10.26 5.68 28.30
CA SER C 110 11.14 5.44 29.44
C SER C 110 12.61 5.69 29.08
N CYS C 111 12.87 6.09 27.83
CA CYS C 111 14.20 6.53 27.43
C CYS C 111 14.30 8.05 27.37
N PHE C 112 13.17 8.71 27.15
CA PHE C 112 13.11 10.17 27.10
C PHE C 112 12.67 10.73 28.44
N THR C 113 13.53 11.50 29.09
CA THR C 113 13.20 12.10 30.37
C THR C 113 12.28 13.30 30.19
N LYS C 114 11.35 13.44 31.14
CA LYS C 114 10.28 14.42 31.03
C LYS C 114 10.72 15.87 31.22
N ASP C 115 9.98 16.78 30.61
CA ASP C 115 10.17 18.22 30.78
C ASP C 115 8.80 18.89 30.76
N TYR C 116 8.75 20.18 31.09
CA TYR C 116 7.48 20.90 31.25
C TYR C 116 6.40 20.10 31.95
N LYS C 121 5.47 23.23 25.90
CA LYS C 121 5.19 23.15 24.46
C LYS C 121 6.01 24.17 23.67
N ALA C 122 5.52 24.49 22.48
CA ALA C 122 6.13 25.50 21.62
C ALA C 122 7.53 25.11 21.16
N CYS C 123 8.28 26.09 20.67
CA CYS C 123 9.60 25.90 20.06
C CYS C 123 9.47 24.95 18.86
N VAL C 124 8.33 25.04 18.19
CA VAL C 124 8.04 24.22 17.02
C VAL C 124 7.32 25.07 15.98
N ARG C 125 7.24 24.58 14.75
CA ARG C 125 6.57 25.35 13.71
C ARG C 125 5.65 24.52 12.82
N THR C 126 4.73 25.22 12.17
CA THR C 126 3.79 24.57 11.27
C THR C 126 4.44 24.29 9.91
N PHE C 127 4.17 23.11 9.37
CA PHE C 127 4.67 22.73 8.06
C PHE C 127 3.52 22.54 7.08
N TYR C 128 3.84 22.55 5.79
CA TYR C 128 2.85 22.34 4.74
C TYR C 128 3.47 21.52 3.63
N GLU C 129 3.53 20.21 3.83
CA GLU C 129 4.25 19.32 2.92
C GLU C 129 3.40 18.15 2.44
N THR C 130 3.92 17.43 1.44
CA THR C 130 3.24 16.24 0.93
C THR C 130 3.26 15.13 1.97
N PRO C 131 2.31 14.20 1.91
CA PRO C 131 2.27 13.06 2.84
C PRO C 131 3.57 12.26 2.85
N LEU C 132 4.19 12.08 1.68
CA LEU C 132 5.45 11.35 1.60
C LEU C 132 6.57 12.06 2.34
N GLN C 133 6.58 13.39 2.25
CA GLN C 133 7.58 14.19 2.96
C GLN C 133 7.38 14.11 4.47
N LEU C 134 6.12 14.14 4.91
CA LEU C 134 5.80 13.95 6.32
C LEU C 134 6.27 12.59 6.81
N LEU C 135 6.05 11.57 5.99
CA LEU C 135 6.47 10.22 6.31
C LEU C 135 7.99 10.11 6.40
N GLU C 136 8.69 10.86 5.56
CA GLU C 136 10.15 10.85 5.58
C GLU C 136 10.69 11.49 6.85
N LYS C 137 10.00 12.52 7.34
CA LYS C 137 10.38 13.16 8.60
C LYS C 137 10.25 12.18 9.76
N VAL C 138 9.10 11.53 9.85
CA VAL C 138 8.83 10.55 10.89
C VAL C 138 9.81 9.38 10.82
N LYS C 139 10.10 8.91 9.62
CA LYS C 139 11.07 7.85 9.43
C LYS C 139 12.46 8.29 9.87
N ASN C 140 12.81 9.54 9.57
CA ASN C 140 14.10 10.08 9.94
C ASN C 140 14.24 10.18 11.46
N VAL C 141 13.15 10.54 12.13
CA VAL C 141 13.14 10.61 13.59
C VAL C 141 13.41 9.25 14.21
N PHE C 142 12.70 8.23 13.74
CA PHE C 142 12.88 6.87 14.24
C PHE C 142 14.25 6.30 13.90
N ASN C 143 14.73 6.61 12.70
CA ASN C 143 16.00 6.06 12.23
C ASN C 143 17.20 6.61 13.00
N GLU C 144 17.25 7.93 13.14
CA GLU C 144 18.36 8.58 13.83
C GLU C 144 18.36 8.28 15.32
N THR C 145 17.18 8.09 15.89
CA THR C 145 17.05 7.73 17.29
C THR C 145 17.63 6.34 17.55
N LYS C 146 17.38 5.42 16.62
CA LYS C 146 17.98 4.09 16.70
C LYS C 146 19.49 4.16 16.59
N ASN C 147 19.98 4.96 15.65
CA ASN C 147 21.41 5.16 15.45
C ASN C 147 22.10 5.65 16.71
N LEU C 148 21.53 6.69 17.32
CA LEU C 148 22.11 7.28 18.52
C LEU C 148 22.09 6.31 19.70
N LEU C 149 20.97 5.60 19.88
CA LEU C 149 20.85 4.63 20.97
C LEU C 149 21.81 3.46 20.80
N ASP C 150 22.16 3.15 19.56
CA ASP C 150 23.15 2.11 19.30
C ASP C 150 24.54 2.57 19.74
N LYS C 151 24.84 3.85 19.53
CA LYS C 151 26.10 4.42 19.97
C LYS C 151 26.14 4.51 21.50
N ASP C 152 25.03 4.96 22.08
CA ASP C 152 24.88 5.02 23.53
C ASP C 152 23.39 5.06 23.88
N TRP C 153 22.96 4.14 24.72
CA TRP C 153 21.54 3.99 25.02
C TRP C 153 21.02 5.03 26.02
N ASN C 154 21.92 5.78 26.65
CA ASN C 154 21.53 6.75 27.65
C ASN C 154 21.66 8.21 27.16
N ILE C 155 21.61 8.39 25.84
CA ILE C 155 21.79 9.72 25.26
C ILE C 155 20.62 10.66 25.56
N PHE C 156 19.40 10.17 25.39
CA PHE C 156 18.21 11.02 25.48
C PHE C 156 17.74 11.24 26.92
N SER C 157 18.65 11.08 27.87
CA SER C 157 18.35 11.36 29.28
C SER C 157 18.94 12.69 29.71
N LYS C 158 19.10 13.60 28.74
CA LYS C 158 19.67 14.91 29.01
C LYS C 158 18.60 16.00 29.09
N ASN C 159 18.80 16.95 29.98
CA ASN C 159 17.86 18.05 30.15
C ASN C 159 18.03 19.11 29.06
N CYS C 160 17.02 19.21 28.19
CA CYS C 160 17.05 20.18 27.10
C CYS C 160 16.26 21.45 27.42
N ASN C 161 15.96 21.67 28.69
CA ASN C 161 15.29 22.90 29.12
C ASN C 161 16.08 24.14 28.72
N ASN C 162 17.41 24.06 28.79
CA ASN C 162 18.27 25.13 28.34
C ASN C 162 18.21 25.29 26.83
N SER C 163 18.15 24.16 26.13
CA SER C 163 18.02 24.16 24.68
C SER C 163 16.66 24.71 24.25
N PHE C 164 15.62 24.39 25.01
CA PHE C 164 14.27 24.84 24.72
C PHE C 164 14.06 26.32 25.06
N ALA C 165 15.06 26.94 25.66
CA ALA C 165 15.00 28.35 26.01
C ALA C 165 15.17 29.24 24.77
N GLU C 166 16.15 28.91 23.94
CA GLU C 166 16.45 29.69 22.75
C GLU C 166 15.42 29.47 21.64
N CYS C 167 14.17 29.84 21.91
CA CYS C 167 13.09 29.66 20.96
C CYS C 167 12.12 30.84 20.99
N GLU D 23 -12.50 -3.41 -33.99
CA GLU D 23 -11.98 -4.73 -33.73
C GLU D 23 -12.85 -5.44 -32.69
N VAL D 24 -13.94 -4.80 -32.30
CA VAL D 24 -14.75 -5.24 -31.16
C VAL D 24 -15.19 -6.67 -31.26
N SER D 25 -15.21 -7.36 -30.13
CA SER D 25 -15.34 -8.80 -30.10
C SER D 25 -16.16 -9.28 -28.92
N GLU D 26 -16.53 -10.56 -28.91
CA GLU D 26 -17.24 -11.15 -27.78
C GLU D 26 -16.37 -11.27 -26.54
N TYR D 27 -15.08 -10.95 -26.67
CA TYR D 27 -14.18 -11.03 -25.53
C TYR D 27 -14.05 -9.68 -24.82
N CYS D 28 -15.04 -8.81 -24.99
CA CYS D 28 -15.07 -7.56 -24.23
C CYS D 28 -15.42 -7.85 -22.78
N SER D 29 -16.28 -8.85 -22.57
CA SER D 29 -16.43 -9.44 -21.25
C SER D 29 -15.21 -10.32 -21.00
N HIS D 30 -15.14 -10.91 -19.80
CA HIS D 30 -13.99 -11.75 -19.39
C HIS D 30 -12.68 -10.99 -19.36
N MET D 31 -12.70 -9.72 -19.77
CA MET D 31 -11.48 -8.92 -19.91
C MET D 31 -11.13 -8.20 -18.61
N ILE D 32 -12.14 -7.58 -17.98
CA ILE D 32 -11.95 -7.00 -16.66
C ILE D 32 -12.19 -8.05 -15.58
N GLY D 33 -11.13 -8.74 -15.17
CA GLY D 33 -11.24 -9.77 -14.15
C GLY D 33 -11.39 -9.23 -12.75
N SER D 34 -11.80 -10.10 -11.83
CA SER D 34 -11.94 -9.72 -10.42
C SER D 34 -10.57 -9.42 -9.81
N GLY D 35 -9.54 -10.09 -10.33
CA GLY D 35 -8.17 -9.86 -9.90
C GLY D 35 -7.75 -8.42 -10.09
N HIS D 36 -8.22 -7.83 -11.19
CA HIS D 36 -7.99 -6.41 -11.46
C HIS D 36 -8.60 -5.55 -10.37
N LEU D 37 -9.85 -5.85 -10.01
CA LEU D 37 -10.58 -5.10 -9.01
C LEU D 37 -9.96 -5.26 -7.62
N GLN D 38 -9.43 -6.45 -7.34
CA GLN D 38 -8.75 -6.70 -6.08
C GLN D 38 -7.50 -5.85 -5.96
N SER D 39 -6.73 -5.77 -7.05
CA SER D 39 -5.51 -4.96 -7.08
C SER D 39 -5.82 -3.50 -6.80
N LEU D 40 -6.91 -3.02 -7.39
CA LEU D 40 -7.39 -1.66 -7.14
C LEU D 40 -7.76 -1.48 -5.67
N GLN D 41 -8.50 -2.44 -5.13
CA GLN D 41 -8.95 -2.36 -3.74
C GLN D 41 -7.77 -2.35 -2.79
N ARG D 42 -6.80 -3.25 -3.03
CA ARG D 42 -5.59 -3.30 -2.21
C ARG D 42 -4.83 -1.98 -2.30
N LEU D 43 -4.81 -1.40 -3.50
CA LEU D 43 -4.15 -0.12 -3.72
C LEU D 43 -4.86 0.96 -2.94
N ILE D 44 -6.19 0.92 -2.94
CA ILE D 44 -7.00 1.87 -2.19
C ILE D 44 -6.78 1.70 -0.69
N ASP D 45 -6.82 0.45 -0.23
CA ASP D 45 -6.67 0.15 1.19
C ASP D 45 -5.30 0.53 1.75
N SER D 46 -4.31 0.64 0.87
CA SER D 46 -2.96 0.96 1.29
C SER D 46 -2.75 2.46 1.47
N GLN D 47 -3.65 3.25 0.88
CA GLN D 47 -3.48 4.70 0.87
C GLN D 47 -3.83 5.34 2.19
N MET D 48 -3.00 6.28 2.61
CA MET D 48 -3.22 7.01 3.85
C MET D 48 -4.42 7.94 3.74
N GLU D 49 -5.27 7.89 4.76
CA GLU D 49 -6.47 8.73 4.79
C GLU D 49 -6.10 10.15 5.18
N THR D 50 -6.04 11.04 4.18
CA THR D 50 -5.65 12.42 4.42
C THR D 50 -6.62 13.40 3.76
N SER D 51 -6.71 14.60 4.34
CA SER D 51 -7.68 15.59 3.90
C SER D 51 -7.23 16.36 2.65
N CYS D 52 -6.00 16.10 2.19
CA CYS D 52 -5.45 16.83 1.05
C CYS D 52 -6.27 16.57 -0.21
N GLN D 53 -6.46 17.61 -1.01
CA GLN D 53 -7.19 17.49 -2.26
C GLN D 53 -6.27 17.65 -3.45
N ILE D 54 -6.55 16.91 -4.52
CA ILE D 54 -5.79 17.03 -5.76
C ILE D 54 -6.73 17.41 -6.89
N THR D 55 -6.25 18.25 -7.80
CA THR D 55 -7.04 18.67 -8.95
C THR D 55 -6.83 17.72 -10.12
N PHE D 56 -7.92 17.36 -10.80
CA PHE D 56 -7.85 16.50 -11.97
C PHE D 56 -9.06 16.66 -12.87
N GLU D 57 -8.90 16.34 -14.14
CA GLU D 57 -10.00 16.43 -15.09
C GLU D 57 -10.77 15.13 -15.16
N PHE D 58 -12.10 15.22 -15.07
CA PHE D 58 -12.95 14.04 -15.14
C PHE D 58 -14.35 14.41 -15.66
N VAL D 59 -15.06 13.41 -16.16
CA VAL D 59 -16.39 13.60 -16.74
C VAL D 59 -17.40 14.05 -15.69
N ASP D 60 -18.25 15.01 -16.07
CA ASP D 60 -19.28 15.54 -15.18
C ASP D 60 -20.55 14.70 -15.25
N GLN D 61 -20.97 14.17 -14.10
CA GLN D 61 -22.16 13.33 -14.02
C GLN D 61 -23.43 14.08 -14.40
N GLU D 62 -23.42 15.39 -14.18
CA GLU D 62 -24.56 16.23 -14.50
C GLU D 62 -24.85 16.27 -15.99
N GLN D 63 -23.82 16.55 -16.78
CA GLN D 63 -23.97 16.64 -18.23
C GLN D 63 -24.20 15.28 -18.87
N LEU D 64 -23.75 14.22 -18.20
CA LEU D 64 -23.93 12.87 -18.71
C LEU D 64 -24.61 11.98 -17.67
N LYS D 65 -25.92 12.02 -17.62
CA LYS D 65 -26.69 11.14 -16.74
C LYS D 65 -26.75 9.74 -17.33
N ASP D 66 -26.64 9.67 -18.66
CA ASP D 66 -26.64 8.39 -19.38
C ASP D 66 -25.50 7.51 -18.92
N PRO D 67 -25.83 6.35 -18.33
CA PRO D 67 -24.83 5.41 -17.78
C PRO D 67 -23.83 4.90 -18.82
N VAL D 68 -24.31 4.57 -20.02
CA VAL D 68 -23.45 4.02 -21.05
C VAL D 68 -22.50 5.05 -21.67
N CYS D 69 -22.97 6.28 -21.82
CA CYS D 69 -22.16 7.35 -22.43
C CYS D 69 -21.27 8.03 -21.40
N TYR D 70 -21.64 7.91 -20.12
CA TYR D 70 -20.79 8.40 -19.04
C TYR D 70 -19.49 7.59 -18.99
N LEU D 71 -19.64 6.27 -18.95
CA LEU D 71 -18.50 5.37 -18.88
C LEU D 71 -17.59 5.50 -20.10
N LYS D 72 -18.19 5.68 -21.27
CA LYS D 72 -17.45 5.88 -22.50
C LYS D 72 -16.48 7.05 -22.40
N LYS D 73 -16.97 8.17 -21.91
CA LYS D 73 -16.15 9.37 -21.75
C LYS D 73 -15.14 9.23 -20.61
N ALA D 74 -15.55 8.49 -19.58
CA ALA D 74 -14.71 8.27 -18.40
C ALA D 74 -13.50 7.39 -18.70
N PHE D 75 -13.75 6.29 -19.41
CA PHE D 75 -12.71 5.34 -19.77
C PHE D 75 -11.51 5.98 -20.47
N LEU D 76 -11.80 6.95 -21.35
CA LEU D 76 -10.75 7.68 -22.03
C LEU D 76 -9.94 8.53 -21.05
N LEU D 77 -10.62 9.14 -20.09
CA LEU D 77 -9.98 10.04 -19.15
C LEU D 77 -9.16 9.31 -18.09
N VAL D 78 -9.58 8.08 -17.78
CA VAL D 78 -8.89 7.26 -16.78
C VAL D 78 -7.45 6.98 -17.21
N GLN D 79 -7.23 6.96 -18.52
CA GLN D 79 -5.91 6.73 -19.09
C GLN D 79 -4.92 7.80 -18.65
N ASP D 80 -5.35 9.06 -18.73
CA ASP D 80 -4.49 10.17 -18.36
C ASP D 80 -4.30 10.22 -16.84
N ILE D 81 -5.34 9.82 -16.11
CA ILE D 81 -5.29 9.81 -14.65
C ILE D 81 -4.21 8.86 -14.13
N MET D 82 -4.17 7.65 -14.69
CA MET D 82 -3.23 6.63 -14.24
C MET D 82 -1.78 6.98 -14.56
N GLU D 83 -1.57 7.74 -15.63
CA GLU D 83 -0.23 8.18 -16.00
C GLU D 83 0.21 9.39 -15.18
N ASP D 84 -0.67 10.38 -15.06
CA ASP D 84 -0.33 11.64 -14.41
C ASP D 84 -0.40 11.58 -12.89
N THR D 85 -1.49 11.02 -12.37
CA THR D 85 -1.73 11.08 -10.93
C THR D 85 -1.30 9.82 -10.19
N MET D 86 -1.68 8.65 -10.70
CA MET D 86 -1.48 7.40 -9.97
C MET D 86 -0.07 6.87 -10.15
N ARG D 87 0.89 7.61 -9.66
CA ARG D 87 2.26 7.22 -9.79
C ARG D 87 2.78 6.60 -8.53
N PHE D 88 3.47 5.49 -8.68
CA PHE D 88 4.01 4.77 -7.53
C PHE D 88 5.48 4.46 -7.74
N ARG D 89 6.18 4.16 -6.66
CA ARG D 89 7.59 3.78 -6.73
C ARG D 89 7.73 2.54 -7.61
N ASP D 90 8.78 2.49 -8.42
CA ASP D 90 9.02 1.37 -9.32
C ASP D 90 9.06 0.02 -8.60
N ASN D 91 8.47 -0.98 -9.24
CA ASN D 91 8.48 -2.37 -8.76
C ASN D 91 7.79 -2.58 -7.41
N THR D 92 6.96 -1.61 -7.02
CA THR D 92 6.11 -1.78 -5.85
C THR D 92 4.81 -2.45 -6.29
N PRO D 93 4.15 -3.20 -5.40
CA PRO D 93 2.90 -3.87 -5.71
C PRO D 93 1.86 -2.97 -6.37
N ASN D 94 1.73 -1.73 -5.88
CA ASN D 94 0.81 -0.77 -6.47
C ASN D 94 1.21 -0.35 -7.87
N ALA D 95 2.50 -0.11 -8.07
CA ALA D 95 3.02 0.23 -9.39
C ALA D 95 2.68 -0.85 -10.42
N ILE D 96 2.92 -2.10 -10.04
CA ILE D 96 2.60 -3.25 -10.89
C ILE D 96 1.10 -3.32 -11.17
N ALA D 97 0.28 -3.04 -10.15
CA ALA D 97 -1.16 -3.02 -10.31
C ALA D 97 -1.58 -1.99 -11.34
N ILE D 98 -0.99 -0.80 -11.27
CA ILE D 98 -1.25 0.28 -12.22
C ILE D 98 -0.91 -0.13 -13.65
N VAL D 99 0.27 -0.72 -13.83
CA VAL D 99 0.70 -1.21 -15.14
C VAL D 99 -0.33 -2.19 -15.73
N GLN D 100 -0.77 -3.13 -14.92
CA GLN D 100 -1.78 -4.11 -15.35
C GLN D 100 -3.09 -3.44 -15.75
N LEU D 101 -3.53 -2.47 -14.96
CA LEU D 101 -4.74 -1.72 -15.28
C LEU D 101 -4.58 -0.94 -16.58
N GLN D 102 -3.36 -0.50 -16.86
CA GLN D 102 -3.08 0.21 -18.10
C GLN D 102 -3.08 -0.75 -19.29
N GLU D 103 -2.51 -1.93 -19.12
CA GLU D 103 -2.56 -2.97 -20.14
C GLU D 103 -4.00 -3.40 -20.38
N LEU D 104 -4.76 -3.50 -19.29
CA LEU D 104 -6.19 -3.79 -19.35
C LEU D 104 -6.92 -2.78 -20.22
N SER D 105 -6.57 -1.51 -20.04
CA SER D 105 -7.23 -0.42 -20.75
C SER D 105 -6.91 -0.45 -22.25
N LEU D 106 -5.71 -0.89 -22.60
CA LEU D 106 -5.35 -1.07 -23.99
C LEU D 106 -6.23 -2.17 -24.60
N ARG D 107 -6.43 -3.24 -23.84
CA ARG D 107 -7.31 -4.32 -24.27
C ARG D 107 -8.76 -3.87 -24.35
N LEU D 108 -9.15 -2.98 -23.44
CA LEU D 108 -10.52 -2.47 -23.44
C LEU D 108 -10.76 -1.53 -24.61
N LYS D 109 -9.68 -1.03 -25.20
CA LYS D 109 -9.79 -0.30 -26.46
C LYS D 109 -10.39 -1.24 -27.50
N SER D 110 -10.91 -0.67 -28.59
CA SER D 110 -11.58 -1.43 -29.65
C SER D 110 -12.88 -2.05 -29.15
N CYS D 111 -13.24 -1.80 -27.89
CA CYS D 111 -14.58 -2.13 -27.40
C CYS D 111 -15.39 -0.85 -27.35
N PHE D 112 -14.69 0.28 -27.20
CA PHE D 112 -15.34 1.58 -27.17
C PHE D 112 -15.20 2.28 -28.53
N THR D 113 -16.31 2.45 -29.23
CA THR D 113 -16.31 3.20 -30.48
C THR D 113 -16.37 4.68 -30.16
N LYS D 114 -15.69 5.52 -30.94
CA LYS D 114 -15.59 6.93 -30.57
C LYS D 114 -15.37 7.88 -31.75
N ASP D 115 -15.88 9.10 -31.58
CA ASP D 115 -15.67 10.20 -32.51
C ASP D 115 -15.53 11.51 -31.74
N TYR D 116 -15.20 12.58 -32.46
CA TYR D 116 -14.91 13.86 -31.82
C TYR D 116 -16.14 14.45 -31.12
N LYS D 121 -12.98 16.14 -27.38
CA LYS D 121 -12.71 16.44 -25.98
C LYS D 121 -13.89 17.17 -25.34
N ALA D 122 -13.61 17.87 -24.25
CA ALA D 122 -14.58 18.70 -23.54
C ALA D 122 -15.73 17.86 -22.98
N CYS D 123 -16.82 18.54 -22.62
CA CYS D 123 -17.97 17.92 -21.97
C CYS D 123 -17.54 17.29 -20.65
N VAL D 124 -16.59 17.94 -19.99
CA VAL D 124 -16.02 17.46 -18.72
C VAL D 124 -15.80 18.61 -17.74
N ARG D 125 -15.54 18.28 -16.48
CA ARG D 125 -15.35 19.27 -15.43
C ARG D 125 -14.12 19.01 -14.55
N THR D 126 -13.51 20.07 -14.03
CA THR D 126 -12.37 19.95 -13.13
C THR D 126 -12.85 19.53 -11.75
N PHE D 127 -12.12 18.61 -11.12
CA PHE D 127 -12.45 18.18 -9.76
C PHE D 127 -11.36 18.55 -8.77
N TYR D 128 -11.71 18.54 -7.50
CA TYR D 128 -10.76 18.82 -6.42
C TYR D 128 -11.05 17.93 -5.24
N GLU D 129 -10.59 16.69 -5.31
CA GLU D 129 -10.93 15.68 -4.32
C GLU D 129 -9.71 14.99 -3.74
N THR D 130 -9.92 14.21 -2.68
CA THR D 130 -8.86 13.44 -2.06
C THR D 130 -8.43 12.31 -3.00
N PRO D 131 -7.18 11.85 -2.86
CA PRO D 131 -6.69 10.73 -3.68
C PRO D 131 -7.56 9.48 -3.57
N LEU D 132 -8.06 9.19 -2.38
CA LEU D 132 -8.92 8.03 -2.17
C LEU D 132 -10.23 8.14 -2.94
N GLN D 133 -10.78 9.35 -3.01
CA GLN D 133 -11.99 9.60 -3.76
C GLN D 133 -11.74 9.42 -5.26
N LEU D 134 -10.59 9.89 -5.72
CA LEU D 134 -10.17 9.67 -7.10
C LEU D 134 -10.06 8.18 -7.42
N LEU D 135 -9.49 7.44 -6.49
CA LEU D 135 -9.33 6.00 -6.65
C LEU D 135 -10.68 5.30 -6.68
N GLU D 136 -11.63 5.80 -5.89
CA GLU D 136 -12.98 5.24 -5.88
C GLU D 136 -13.70 5.49 -7.20
N LYS D 137 -13.46 6.65 -7.79
CA LYS D 137 -14.04 6.96 -9.10
C LYS D 137 -13.52 6.00 -10.16
N VAL D 138 -12.19 5.86 -10.20
CA VAL D 138 -11.54 4.98 -11.16
C VAL D 138 -11.96 3.52 -10.94
N LYS D 139 -12.05 3.11 -9.69
CA LYS D 139 -12.52 1.75 -9.38
C LYS D 139 -13.96 1.55 -9.85
N ASN D 140 -14.78 2.57 -9.67
CA ASN D 140 -16.18 2.51 -10.08
C ASN D 140 -16.30 2.42 -11.60
N VAL D 141 -15.42 3.13 -12.31
CA VAL D 141 -15.39 3.08 -13.76
C VAL D 141 -15.10 1.66 -14.23
N PHE D 142 -14.06 1.05 -13.68
CA PHE D 142 -13.69 -0.32 -14.03
C PHE D 142 -14.75 -1.33 -13.60
N ASN D 143 -15.33 -1.12 -12.42
CA ASN D 143 -16.30 -2.08 -11.88
C ASN D 143 -17.60 -2.09 -12.66
N GLU D 144 -18.15 -0.90 -12.92
CA GLU D 144 -19.41 -0.78 -13.64
C GLU D 144 -19.28 -1.21 -15.10
N THR D 145 -18.11 -0.97 -15.68
CA THR D 145 -17.83 -1.38 -17.04
C THR D 145 -17.83 -2.91 -17.14
N LYS D 146 -17.27 -3.56 -16.13
CA LYS D 146 -17.28 -5.01 -16.06
C LYS D 146 -18.71 -5.54 -15.93
N ASN D 147 -19.50 -4.90 -15.06
CA ASN D 147 -20.89 -5.27 -14.87
C ASN D 147 -21.71 -5.21 -16.15
N LEU D 148 -21.60 -4.10 -16.87
CA LEU D 148 -22.35 -3.91 -18.11
C LEU D 148 -21.94 -4.89 -19.19
N LEU D 149 -20.63 -5.12 -19.33
CA LEU D 149 -20.11 -6.05 -20.34
C LEU D 149 -20.53 -7.49 -20.07
N ASP D 150 -20.77 -7.81 -18.81
CA ASP D 150 -21.27 -9.14 -18.44
C ASP D 150 -22.71 -9.31 -18.91
N LYS D 151 -23.49 -8.25 -18.82
CA LYS D 151 -24.87 -8.25 -19.29
C LYS D 151 -24.90 -8.31 -20.82
N ASP D 152 -24.05 -7.50 -21.44
CA ASP D 152 -23.90 -7.50 -22.89
C ASP D 152 -22.54 -6.91 -23.27
N TRP D 153 -21.76 -7.66 -24.04
CA TRP D 153 -20.40 -7.25 -24.37
C TRP D 153 -20.33 -6.19 -25.46
N ASN D 154 -21.45 -5.94 -26.12
CA ASN D 154 -21.48 -4.98 -27.23
C ASN D 154 -22.17 -3.67 -26.86
N ILE D 155 -22.21 -3.36 -25.57
CA ILE D 155 -22.89 -2.16 -25.10
C ILE D 155 -22.19 -0.86 -25.51
N PHE D 156 -20.88 -0.81 -25.31
CA PHE D 156 -20.12 0.43 -25.51
C PHE D 156 -19.75 0.69 -26.97
N SER D 157 -20.50 0.08 -27.89
CA SER D 157 -20.29 0.32 -29.32
C SER D 157 -21.36 1.22 -29.90
N LYS D 158 -21.94 2.07 -29.05
CA LYS D 158 -22.99 2.99 -29.50
C LYS D 158 -22.44 4.40 -29.67
N ASN D 159 -22.96 5.12 -30.65
CA ASN D 159 -22.51 6.47 -30.93
C ASN D 159 -23.08 7.48 -29.94
N CYS D 160 -22.20 8.03 -29.09
CA CYS D 160 -22.61 9.02 -28.09
C CYS D 160 -22.36 10.46 -28.53
N ASN D 161 -22.15 10.66 -29.83
CA ASN D 161 -22.01 12.00 -30.37
C ASN D 161 -23.22 12.87 -30.06
N ASN D 162 -24.40 12.25 -30.09
CA ASN D 162 -25.64 12.94 -29.72
C ASN D 162 -25.67 13.26 -28.24
N SER D 163 -25.17 12.32 -27.43
CA SER D 163 -25.07 12.53 -25.99
C SER D 163 -24.05 13.62 -25.66
N PHE D 164 -22.95 13.64 -26.41
CA PHE D 164 -21.89 14.61 -26.19
C PHE D 164 -22.28 16.01 -26.68
N ALA D 165 -23.44 16.12 -27.31
CA ALA D 165 -23.93 17.41 -27.80
C ALA D 165 -24.47 18.26 -26.65
N GLU D 166 -25.25 17.64 -25.78
CA GLU D 166 -25.85 18.36 -24.66
C GLU D 166 -24.83 18.65 -23.56
N CYS D 167 -23.82 19.43 -23.89
CA CYS D 167 -22.75 19.76 -22.94
C CYS D 167 -22.30 21.20 -23.12
#